data_6JOM
#
_entry.id   6JOM
#
_cell.length_a   100.322
_cell.length_b   100.322
_cell.length_c   155.587
_cell.angle_alpha   90.000
_cell.angle_beta   90.000
_cell.angle_gamma   90.000
#
_symmetry.space_group_name_H-M   'P 41 21 2'
#
loop_
_entity.id
_entity.type
_entity.pdbx_description
1 polymer 'Lipoate--protein ligase'
2 non-polymer "5'-O-[(R)-({5-[(3R)-1,2-DITHIOLAN-3-YL]PENTANOYL}OXY)(HYDROXY)PHOSPHORYL]ADENOSINE"
3 water water
#
_entity_poly.entity_id   1
_entity_poly.type   'polypeptide(L)'
_entity_poly.pdbx_seq_one_letter_code
;MYLIEPKRNGKWVFDGAILLAIQYWAIKNLKLDETIVFPYICDPHVQIGYFQNPSVEVNLELLKQKNIEVVRRDTGGGAI
YLDRNGVNFCFSFPYEKNKNLLGNYAQFYDPVIKVLQNIGIKNVQFSGKNDLQIEGKKVSGAAMSLVNDRIYAGFSLLYD
VDFDFIGKILTPNQKKIEAKGIKSVSQRVTNLKNKLSKEYQNFSIFEIKDLFLTEFLKVNSVEKFKKYELTDSDWVQIDK
MVAEKYKNWDFVWGLSPNYSFNRSIRTKVGTITFSLEINEGKISKIKISGDFFPKKSLLELENFLMGTKLTQDQLLNRLK
DAKLEDYFSQKIDEEEICNLLLNLEHHHHHH
;
_entity_poly.pdbx_strand_id   A,B
#
# COMPACT_ATOMS: atom_id res chain seq x y z
N MET A 1 1.84 23.14 -2.57
CA MET A 1 0.74 22.47 -3.35
C MET A 1 -0.10 23.56 -4.00
N TYR A 2 -0.24 23.46 -5.33
CA TYR A 2 -1.10 24.39 -6.03
C TYR A 2 -2.48 23.75 -6.19
N LEU A 3 -3.50 24.62 -6.25
CA LEU A 3 -4.84 24.16 -6.56
C LEU A 3 -5.26 24.91 -7.81
N ILE A 4 -5.71 24.17 -8.82
CA ILE A 4 -6.24 24.77 -10.02
C ILE A 4 -7.70 24.43 -10.12
N GLU A 5 -8.53 25.42 -9.83
CA GLU A 5 -9.94 25.09 -9.94
C GLU A 5 -10.33 25.20 -11.40
N PRO A 6 -11.29 24.40 -11.87
CA PRO A 6 -11.69 24.52 -13.27
C PRO A 6 -12.69 25.62 -13.43
N LYS A 7 -12.18 26.85 -13.46
CA LYS A 7 -12.99 28.04 -13.62
C LYS A 7 -12.57 28.81 -14.87
N ARG A 8 -13.53 29.44 -15.51
CA ARG A 8 -13.22 30.25 -16.68
C ARG A 8 -13.84 31.64 -16.50
N ASN A 9 -12.97 32.64 -16.33
CA ASN A 9 -13.46 33.94 -15.88
C ASN A 9 -14.43 33.73 -14.71
N GLY A 10 -13.97 33.01 -13.68
CA GLY A 10 -14.74 32.82 -12.47
C GLY A 10 -15.94 31.87 -12.62
N LYS A 11 -16.19 31.31 -13.80
CA LYS A 11 -17.31 30.39 -13.95
C LYS A 11 -16.83 28.94 -13.83
N TRP A 12 -17.49 28.14 -13.00
CA TRP A 12 -17.09 26.75 -12.80
C TRP A 12 -17.39 25.93 -14.05
N VAL A 13 -16.44 25.06 -14.44
CA VAL A 13 -16.59 24.27 -15.63
C VAL A 13 -16.89 22.84 -15.24
N PHE A 14 -17.83 22.21 -15.92
CA PHE A 14 -18.26 20.87 -15.58
C PHE A 14 -18.06 19.91 -16.74
N ASP A 15 -17.46 20.38 -17.83
CA ASP A 15 -17.35 19.56 -19.02
C ASP A 15 -16.17 18.62 -18.84
N GLY A 16 -16.44 17.32 -18.76
CA GLY A 16 -15.40 16.32 -18.51
C GLY A 16 -14.23 16.45 -19.49
N ALA A 17 -14.49 16.95 -20.71
CA ALA A 17 -13.42 16.89 -21.69
C ALA A 17 -12.52 18.08 -21.41
N ILE A 18 -13.15 19.21 -21.13
CA ILE A 18 -12.40 20.40 -20.80
C ILE A 18 -11.65 20.14 -19.50
N LEU A 19 -12.25 19.40 -18.58
CA LEU A 19 -11.57 19.29 -17.28
C LEU A 19 -10.25 18.53 -17.44
N LEU A 20 -10.25 17.50 -18.28
CA LEU A 20 -9.01 16.75 -18.49
C LEU A 20 -8.00 17.68 -19.20
N ALA A 21 -8.56 18.48 -20.12
CA ALA A 21 -7.71 19.31 -20.93
C ALA A 21 -6.98 20.28 -20.00
N ILE A 22 -7.69 20.72 -18.94
CA ILE A 22 -7.11 21.70 -18.04
C ILE A 22 -5.88 21.02 -17.48
N GLN A 23 -6.09 19.76 -17.06
CA GLN A 23 -5.08 19.05 -16.30
C GLN A 23 -3.93 18.80 -17.24
N TYR A 24 -4.24 18.28 -18.41
CA TYR A 24 -3.12 17.96 -19.27
C TYR A 24 -2.37 19.25 -19.68
N TRP A 25 -3.14 20.32 -19.90
CA TRP A 25 -2.52 21.58 -20.22
C TRP A 25 -1.47 21.91 -19.15
N ALA A 26 -1.88 21.81 -17.88
CA ALA A 26 -1.02 22.12 -16.76
C ALA A 26 0.21 21.23 -16.78
N ILE A 27 -0.03 19.95 -17.04
CA ILE A 27 1.00 18.92 -17.06
C ILE A 27 2.07 19.34 -18.04
N LYS A 28 1.65 19.84 -19.20
CA LYS A 28 2.59 20.08 -20.27
C LYS A 28 3.19 21.47 -20.15
N ASN A 29 2.50 22.42 -19.53
CA ASN A 29 2.83 23.81 -19.77
C ASN A 29 3.03 24.51 -18.46
N LEU A 30 2.51 23.95 -17.37
CA LEU A 30 2.68 24.67 -16.14
C LEU A 30 3.92 24.11 -15.44
N LYS A 31 5.03 24.83 -15.59
CA LYS A 31 6.24 24.42 -14.90
C LYS A 31 6.24 24.93 -13.45
N LEU A 32 5.37 24.36 -12.64
CA LEU A 32 5.38 24.63 -11.22
C LEU A 32 6.04 23.42 -10.57
N ASP A 33 7.03 23.70 -9.74
CA ASP A 33 7.82 22.64 -9.15
C ASP A 33 7.16 22.26 -7.85
N GLU A 34 5.87 21.94 -7.92
CA GLU A 34 5.05 21.56 -6.78
C GLU A 34 3.91 20.72 -7.33
N THR A 35 3.32 19.89 -6.47
CA THR A 35 2.10 19.20 -6.83
C THR A 35 1.01 20.23 -7.15
N ILE A 36 0.31 19.98 -8.27
CA ILE A 36 -0.89 20.75 -8.57
C ILE A 36 -2.07 19.83 -8.41
N VAL A 37 -3.12 20.32 -7.72
CA VAL A 37 -4.36 19.59 -7.54
C VAL A 37 -5.42 20.17 -8.46
N PHE A 38 -6.18 19.26 -9.10
CA PHE A 38 -7.25 19.63 -10.01
C PHE A 38 -8.52 18.94 -9.58
N PRO A 39 -9.34 19.56 -8.71
CA PRO A 39 -10.62 18.95 -8.32
C PRO A 39 -11.48 19.11 -9.56
N TYR A 40 -12.33 18.11 -9.83
CA TYR A 40 -13.27 18.30 -10.90
C TYR A 40 -14.54 17.50 -10.62
N ILE A 41 -15.67 18.16 -10.90
CA ILE A 41 -17.03 17.64 -10.83
C ILE A 41 -17.59 17.78 -12.25
N CYS A 42 -18.01 16.66 -12.83
CA CYS A 42 -18.34 16.75 -14.24
C CYS A 42 -19.83 16.54 -14.49
N ASP A 43 -20.31 17.16 -15.56
CA ASP A 43 -21.60 16.78 -16.12
C ASP A 43 -21.54 15.32 -16.52
N PRO A 44 -22.67 14.57 -16.49
CA PRO A 44 -22.72 13.19 -16.95
C PRO A 44 -21.97 12.94 -18.25
N HIS A 45 -21.09 11.94 -18.22
CA HIS A 45 -20.33 11.53 -19.38
C HIS A 45 -19.59 10.28 -18.94
N VAL A 46 -19.02 9.54 -19.90
CA VAL A 46 -18.19 8.40 -19.56
C VAL A 46 -16.78 8.79 -19.93
N GLN A 47 -15.88 8.40 -19.06
CA GLN A 47 -14.49 8.67 -19.26
C GLN A 47 -13.82 7.33 -19.43
N ILE A 48 -13.10 7.13 -20.52
CA ILE A 48 -12.52 5.81 -20.70
C ILE A 48 -11.01 5.99 -20.65
N GLY A 49 -10.28 4.88 -20.42
CA GLY A 49 -8.83 5.03 -20.30
C GLY A 49 -8.24 5.17 -21.70
N TYR A 50 -6.97 5.59 -21.73
CA TYR A 50 -6.32 5.91 -22.98
C TYR A 50 -6.33 4.71 -23.92
N PHE A 51 -6.19 3.49 -23.40
CA PHE A 51 -5.95 2.29 -24.21
C PHE A 51 -7.26 1.56 -24.39
N GLN A 52 -8.35 2.21 -24.00
CA GLN A 52 -9.62 1.53 -24.11
C GLN A 52 -10.29 1.83 -25.44
N ASN A 53 -11.25 0.99 -25.80
CA ASN A 53 -12.09 1.19 -26.97
C ASN A 53 -13.50 1.55 -26.55
N PRO A 54 -13.98 2.78 -26.78
CA PRO A 54 -15.30 3.20 -26.30
C PRO A 54 -16.44 2.29 -26.77
N SER A 55 -16.33 1.69 -27.95
CA SER A 55 -17.42 0.90 -28.53
C SER A 55 -17.73 -0.34 -27.68
N VAL A 56 -16.70 -0.91 -27.04
CA VAL A 56 -16.91 -2.13 -26.27
C VAL A 56 -17.08 -1.80 -24.79
N GLU A 57 -16.74 -0.57 -24.37
CA GLU A 57 -16.76 -0.18 -22.97
C GLU A 57 -18.05 0.52 -22.59
N VAL A 58 -18.73 1.09 -23.58
CA VAL A 58 -19.90 1.89 -23.30
C VAL A 58 -21.06 1.21 -24.03
N ASN A 59 -22.28 1.27 -23.47
CA ASN A 59 -23.49 1.03 -24.23
C ASN A 59 -23.75 2.26 -25.09
N LEU A 60 -23.46 2.14 -26.38
CA LEU A 60 -23.45 3.29 -27.28
C LEU A 60 -24.86 3.84 -27.49
N GLU A 61 -25.86 2.95 -27.42
CA GLU A 61 -27.25 3.33 -27.68
C GLU A 61 -27.74 4.13 -26.47
N LEU A 62 -27.44 3.64 -25.27
CA LEU A 62 -27.83 4.33 -24.06
C LEU A 62 -27.13 5.69 -23.96
N LEU A 63 -25.88 5.76 -24.43
CA LEU A 63 -25.12 7.00 -24.43
C LEU A 63 -25.79 8.02 -25.34
N LYS A 64 -26.12 7.60 -26.58
CA LYS A 64 -26.77 8.45 -27.56
C LYS A 64 -28.14 8.90 -27.03
N GLN A 65 -28.90 7.94 -26.50
CA GLN A 65 -30.23 8.18 -25.94
C GLN A 65 -30.13 9.26 -24.87
N LYS A 66 -29.16 9.11 -23.94
CA LYS A 66 -29.02 10.01 -22.81
C LYS A 66 -28.24 11.27 -23.21
N ASN A 67 -27.77 11.31 -24.46
CA ASN A 67 -27.07 12.43 -25.07
C ASN A 67 -25.88 12.88 -24.22
N ILE A 68 -24.97 11.95 -23.94
CA ILE A 68 -23.79 12.22 -23.15
C ILE A 68 -22.57 11.74 -23.94
N GLU A 69 -21.41 12.28 -23.56
CA GLU A 69 -20.19 12.12 -24.33
C GLU A 69 -19.38 10.99 -23.70
N VAL A 70 -18.52 10.41 -24.53
CA VAL A 70 -17.35 9.65 -24.13
C VAL A 70 -16.18 10.61 -24.14
N VAL A 71 -15.33 10.46 -23.12
CA VAL A 71 -14.13 11.26 -23.05
C VAL A 71 -13.02 10.27 -22.76
N ARG A 72 -11.98 10.34 -23.57
CA ARG A 72 -10.83 9.49 -23.35
C ARG A 72 -9.86 10.31 -22.50
N ARG A 73 -9.30 9.73 -21.44
CA ARG A 73 -8.30 10.46 -20.68
C ARG A 73 -6.92 10.00 -21.14
N ASP A 74 -5.85 10.61 -20.65
CA ASP A 74 -4.51 10.32 -21.07
C ASP A 74 -3.97 9.09 -20.33
N THR A 75 -4.60 8.69 -19.22
CA THR A 75 -4.04 7.63 -18.42
C THR A 75 -4.69 6.33 -18.86
N GLY A 76 -4.05 5.20 -18.52
CA GLY A 76 -4.68 3.94 -18.77
C GLY A 76 -5.80 3.68 -17.75
N GLY A 77 -6.03 2.40 -17.50
CA GLY A 77 -7.17 2.03 -16.68
C GLY A 77 -8.46 1.96 -17.48
N GLY A 78 -9.56 1.84 -16.75
CA GLY A 78 -10.86 1.49 -17.29
C GLY A 78 -11.83 2.67 -17.29
N ALA A 79 -13.09 2.31 -17.56
CA ALA A 79 -14.09 3.26 -17.99
C ALA A 79 -14.94 3.64 -16.78
N ILE A 80 -15.13 4.94 -16.59
CA ILE A 80 -15.97 5.29 -15.46
C ILE A 80 -17.05 6.21 -16.00
N TYR A 81 -18.14 6.22 -15.24
CA TYR A 81 -19.22 7.16 -15.44
C TYR A 81 -19.11 8.28 -14.42
N LEU A 82 -19.29 9.50 -14.88
CA LEU A 82 -19.00 10.63 -14.01
C LEU A 82 -20.18 11.57 -14.10
N ASP A 83 -20.73 11.94 -12.96
CA ASP A 83 -21.78 12.94 -12.98
C ASP A 83 -21.55 13.89 -11.82
N ARG A 84 -22.57 14.74 -11.56
CA ARG A 84 -22.53 15.76 -10.51
C ARG A 84 -22.54 15.14 -9.12
N ASN A 85 -22.64 13.80 -9.04
CA ASN A 85 -22.62 13.14 -7.75
C ASN A 85 -21.26 12.53 -7.46
N GLY A 86 -20.30 12.79 -8.37
CA GLY A 86 -18.93 12.34 -8.18
C GLY A 86 -17.98 13.52 -7.98
N VAL A 87 -16.95 13.29 -7.19
CA VAL A 87 -15.99 14.37 -7.05
C VAL A 87 -14.64 13.71 -7.32
N ASN A 88 -13.89 14.29 -8.28
CA ASN A 88 -12.67 13.64 -8.69
C ASN A 88 -11.54 14.63 -8.46
N PHE A 89 -10.32 14.08 -8.40
CA PHE A 89 -9.17 14.91 -8.16
C PHE A 89 -8.05 14.38 -9.03
N CYS A 90 -7.52 15.26 -9.86
CA CYS A 90 -6.33 14.91 -10.59
C CYS A 90 -5.15 15.68 -10.03
N PHE A 91 -3.98 15.17 -10.40
CA PHE A 91 -2.77 15.77 -9.90
C PHE A 91 -1.68 15.75 -10.95
N SER A 92 -0.82 16.76 -10.81
CA SER A 92 0.40 16.89 -11.60
C SER A 92 1.54 16.92 -10.57
N PHE A 93 2.16 15.75 -10.39
CA PHE A 93 3.19 15.63 -9.37
C PHE A 93 4.51 15.79 -10.09
N PRO A 94 5.43 16.65 -9.60
CA PRO A 94 6.82 16.64 -10.10
C PRO A 94 7.34 15.21 -9.95
N TYR A 95 7.83 14.62 -11.04
CA TYR A 95 8.25 13.22 -11.03
C TYR A 95 9.48 13.06 -10.15
N GLU A 96 10.42 14.02 -10.22
CA GLU A 96 11.64 13.89 -9.45
C GLU A 96 11.34 13.80 -7.95
N LYS A 97 10.37 14.59 -7.45
CA LYS A 97 10.06 14.58 -6.02
C LYS A 97 9.15 13.41 -5.64
N ASN A 98 8.64 12.67 -6.63
CA ASN A 98 7.73 11.57 -6.31
C ASN A 98 8.06 10.35 -7.20
N LYS A 99 9.34 10.00 -7.27
CA LYS A 99 9.84 8.99 -8.20
C LYS A 99 9.21 7.63 -7.93
N ASN A 100 8.81 7.40 -6.68
CA ASN A 100 8.25 6.11 -6.26
C ASN A 100 6.74 6.08 -6.44
N LEU A 101 6.14 7.18 -6.94
CA LEU A 101 4.69 7.29 -7.04
C LEU A 101 4.19 6.59 -8.31
N LEU A 102 5.00 6.59 -9.37
CA LEU A 102 4.54 6.05 -10.66
C LEU A 102 4.15 4.59 -10.50
N GLY A 103 2.86 4.28 -10.68
CA GLY A 103 2.38 2.90 -10.69
C GLY A 103 2.02 2.42 -9.29
N ASN A 104 2.30 3.30 -8.33
CA ASN A 104 2.13 2.99 -6.92
C ASN A 104 0.80 3.55 -6.45
N TYR A 105 -0.27 2.77 -6.69
CA TYR A 105 -1.62 3.17 -6.32
C TYR A 105 -1.80 3.33 -4.80
N ALA A 106 -1.15 2.42 -4.05
CA ALA A 106 -1.20 2.46 -2.61
C ALA A 106 -0.68 3.81 -2.10
N GLN A 107 0.52 4.21 -2.53
CA GLN A 107 1.09 5.47 -2.09
C GLN A 107 0.13 6.61 -2.42
N PHE A 108 -0.34 6.59 -3.68
CA PHE A 108 -1.17 7.65 -4.24
C PHE A 108 -2.42 7.85 -3.41
N TYR A 109 -2.99 6.72 -2.98
CA TYR A 109 -4.26 6.64 -2.29
C TYR A 109 -4.11 6.80 -0.77
N ASP A 110 -2.88 6.71 -0.22
CA ASP A 110 -2.70 6.79 1.22
C ASP A 110 -3.34 8.07 1.78
N PRO A 111 -3.06 9.27 1.24
CA PRO A 111 -3.69 10.48 1.73
C PRO A 111 -5.21 10.46 1.53
N VAL A 112 -5.67 9.75 0.50
CA VAL A 112 -7.10 9.72 0.21
C VAL A 112 -7.84 8.89 1.24
N ILE A 113 -7.36 7.66 1.44
CA ILE A 113 -7.86 6.82 2.52
C ILE A 113 -7.87 7.63 3.82
N LYS A 114 -6.74 8.27 4.16
CA LYS A 114 -6.63 9.05 5.37
C LYS A 114 -7.70 10.12 5.44
N VAL A 115 -7.94 10.82 4.33
CA VAL A 115 -8.96 11.86 4.24
C VAL A 115 -10.33 11.23 4.46
N LEU A 116 -10.55 10.07 3.86
CA LEU A 116 -11.89 9.52 3.91
C LEU A 116 -12.19 9.04 5.32
N GLN A 117 -11.15 8.53 6.02
CA GLN A 117 -11.28 8.04 7.38
C GLN A 117 -11.68 9.24 8.24
N ASN A 118 -10.84 10.29 8.17
CA ASN A 118 -11.00 11.53 8.89
C ASN A 118 -12.43 12.08 8.77
N ILE A 119 -13.12 11.68 7.71
CA ILE A 119 -14.39 12.24 7.32
C ILE A 119 -15.47 11.24 7.70
N GLY A 120 -15.05 10.12 8.30
CA GLY A 120 -15.94 9.26 9.06
C GLY A 120 -16.23 7.96 8.30
N ILE A 121 -15.60 7.81 7.13
CA ILE A 121 -15.89 6.67 6.27
C ILE A 121 -15.34 5.39 6.91
N LYS A 122 -16.27 4.44 7.07
CA LYS A 122 -16.11 3.10 7.64
C LYS A 122 -14.73 2.47 7.40
N ASN A 123 -14.64 1.59 6.39
CA ASN A 123 -13.47 0.76 6.19
C ASN A 123 -13.04 0.80 4.73
N VAL A 124 -12.65 1.99 4.29
CA VAL A 124 -12.13 2.20 2.95
C VAL A 124 -10.80 1.45 2.86
N GLN A 125 -10.61 0.63 1.83
CA GLN A 125 -9.34 -0.07 1.72
C GLN A 125 -8.83 0.01 0.29
N PHE A 126 -7.52 0.13 0.17
CA PHE A 126 -6.85 -0.12 -1.10
C PHE A 126 -7.14 -1.55 -1.56
N SER A 127 -7.65 -1.63 -2.79
CA SER A 127 -8.03 -2.87 -3.44
C SER A 127 -6.81 -3.71 -3.77
N GLY A 128 -5.61 -3.11 -3.82
CA GLY A 128 -4.44 -3.81 -4.34
C GLY A 128 -4.17 -3.60 -5.83
N LYS A 129 -5.21 -3.27 -6.63
CA LYS A 129 -5.06 -2.83 -8.02
C LYS A 129 -4.97 -1.30 -8.11
N ASN A 130 -6.11 -0.62 -8.26
CA ASN A 130 -6.13 0.83 -8.46
C ASN A 130 -7.43 1.45 -7.91
N ASP A 131 -8.03 0.80 -6.92
CA ASP A 131 -9.38 1.13 -6.46
C ASP A 131 -9.38 1.34 -4.95
N LEU A 132 -10.43 2.03 -4.49
CA LEU A 132 -10.80 2.01 -3.09
C LEU A 132 -12.14 1.32 -2.93
N GLN A 133 -12.23 0.43 -1.92
CA GLN A 133 -13.38 -0.41 -1.70
C GLN A 133 -13.82 -0.31 -0.25
N ILE A 134 -15.14 -0.32 -0.06
CA ILE A 134 -15.78 -0.55 1.22
C ILE A 134 -16.62 -1.81 1.12
N GLU A 135 -16.32 -2.83 1.96
CA GLU A 135 -17.01 -4.11 2.06
C GLU A 135 -17.28 -4.67 0.65
N GLY A 136 -16.21 -4.76 -0.14
CA GLY A 136 -16.29 -5.30 -1.48
C GLY A 136 -16.64 -4.29 -2.56
N LYS A 137 -17.29 -3.16 -2.19
CA LYS A 137 -17.89 -2.28 -3.18
C LYS A 137 -17.00 -1.05 -3.45
N LYS A 138 -16.64 -0.84 -4.73
CA LYS A 138 -15.67 0.18 -5.10
C LYS A 138 -16.25 1.59 -4.88
N VAL A 139 -15.51 2.48 -4.18
CA VAL A 139 -15.89 3.88 -4.03
C VAL A 139 -15.02 4.81 -4.89
N SER A 140 -13.85 4.32 -5.34
CA SER A 140 -12.93 5.14 -6.09
C SER A 140 -12.10 4.27 -7.04
N GLY A 141 -11.83 4.85 -8.22
CA GLY A 141 -10.84 4.32 -9.12
C GLY A 141 -9.76 5.35 -9.35
N ALA A 142 -8.56 4.87 -9.74
CA ALA A 142 -7.43 5.74 -9.94
C ALA A 142 -6.70 5.34 -11.21
N ALA A 143 -5.92 6.30 -11.70
CA ALA A 143 -5.17 6.06 -12.92
C ALA A 143 -3.99 7.00 -12.82
N MET A 144 -2.84 6.59 -13.34
CA MET A 144 -1.80 7.57 -13.55
C MET A 144 -0.94 7.18 -14.73
N SER A 145 -0.06 8.12 -15.08
CA SER A 145 0.94 7.97 -16.13
C SER A 145 2.06 9.00 -15.91
N LEU A 146 3.15 8.82 -16.64
CA LEU A 146 4.30 9.70 -16.53
C LEU A 146 4.30 10.52 -17.80
N VAL A 147 4.34 11.83 -17.66
CA VAL A 147 4.23 12.63 -18.85
C VAL A 147 5.19 13.78 -18.62
N ASN A 148 6.17 13.88 -19.53
CA ASN A 148 7.22 14.83 -19.24
C ASN A 148 7.92 14.32 -17.98
N ASP A 149 8.04 15.25 -17.05
CA ASP A 149 8.65 15.14 -15.75
C ASP A 149 7.50 15.11 -14.75
N ARG A 150 6.27 14.83 -15.20
CA ARG A 150 5.17 14.96 -14.26
C ARG A 150 4.45 13.63 -14.17
N ILE A 151 4.03 13.30 -12.96
CA ILE A 151 3.13 12.18 -12.86
C ILE A 151 1.71 12.73 -12.87
N TYR A 152 0.94 12.28 -13.85
CA TYR A 152 -0.46 12.62 -13.96
C TYR A 152 -1.23 11.53 -13.24
N ALA A 153 -1.87 11.87 -12.14
CA ALA A 153 -2.61 10.85 -11.42
C ALA A 153 -3.99 11.40 -11.08
N GLY A 154 -4.95 10.50 -11.06
CA GLY A 154 -6.28 10.96 -10.69
C GLY A 154 -7.05 9.85 -10.01
N PHE A 155 -7.91 10.22 -9.06
CA PHE A 155 -8.84 9.27 -8.50
C PHE A 155 -10.23 9.89 -8.57
N SER A 156 -11.27 9.05 -8.72
CA SER A 156 -12.66 9.50 -8.58
C SER A 156 -13.21 9.19 -7.19
N LEU A 157 -14.27 9.88 -6.78
CA LEU A 157 -15.00 9.51 -5.56
C LEU A 157 -16.45 9.41 -5.98
N LEU A 158 -17.08 8.28 -5.65
CA LEU A 158 -18.51 8.13 -5.80
C LEU A 158 -19.20 8.58 -4.51
N TYR A 159 -19.48 9.90 -4.44
CA TYR A 159 -20.22 10.46 -3.34
C TYR A 159 -21.64 9.90 -3.35
N ASP A 160 -22.32 10.04 -4.49
CA ASP A 160 -23.61 9.42 -4.72
C ASP A 160 -23.54 8.73 -6.07
N VAL A 161 -24.29 7.64 -6.21
CA VAL A 161 -24.24 6.90 -7.46
C VAL A 161 -25.68 6.69 -7.92
N ASP A 162 -25.80 6.68 -9.24
CA ASP A 162 -26.96 6.17 -9.91
C ASP A 162 -26.60 4.74 -10.32
N PHE A 163 -26.74 3.81 -9.37
CA PHE A 163 -26.49 2.39 -9.54
C PHE A 163 -27.19 1.82 -10.78
N ASP A 164 -28.44 2.19 -10.99
CA ASP A 164 -29.15 1.70 -12.16
C ASP A 164 -28.37 2.10 -13.42
N PHE A 165 -28.04 3.39 -13.56
CA PHE A 165 -27.52 3.92 -14.80
C PHE A 165 -26.09 3.46 -15.06
N ILE A 166 -25.28 3.34 -14.00
CA ILE A 166 -23.85 3.06 -14.09
C ILE A 166 -23.61 1.67 -14.68
N GLY A 167 -24.37 0.66 -14.23
CA GLY A 167 -24.22 -0.69 -14.73
C GLY A 167 -24.92 -0.90 -16.08
N LYS A 168 -25.64 0.13 -16.54
CA LYS A 168 -26.28 0.07 -17.83
C LYS A 168 -25.41 0.74 -18.89
N ILE A 169 -24.75 1.86 -18.53
CA ILE A 169 -24.02 2.68 -19.47
C ILE A 169 -22.64 2.10 -19.73
N LEU A 170 -22.07 1.40 -18.74
CA LEU A 170 -20.75 0.78 -18.86
C LEU A 170 -20.95 -0.69 -19.15
N THR A 171 -20.33 -1.18 -20.21
CA THR A 171 -20.37 -2.61 -20.53
C THR A 171 -18.94 -3.15 -20.45
N PRO A 172 -18.40 -3.42 -19.23
CA PRO A 172 -17.09 -4.09 -19.11
C PRO A 172 -17.26 -5.60 -19.18
N ASN A 173 -16.24 -6.30 -19.71
CA ASN A 173 -16.23 -7.76 -19.77
C ASN A 173 -17.57 -8.34 -20.27
N GLN A 174 -17.88 -8.14 -21.56
CA GLN A 174 -19.12 -8.63 -22.14
C GLN A 174 -18.87 -9.16 -23.56
N ARG A 188 -18.47 -4.19 -8.75
CA ARG A 188 -19.67 -3.43 -8.34
C ARG A 188 -19.33 -2.40 -7.27
N VAL A 189 -20.14 -1.33 -7.20
CA VAL A 189 -19.72 -0.08 -6.56
C VAL A 189 -20.75 0.34 -5.51
N THR A 190 -20.39 1.36 -4.70
CA THR A 190 -21.28 1.95 -3.70
C THR A 190 -21.01 3.46 -3.56
N ASN A 191 -21.89 4.15 -2.82
CA ASN A 191 -21.78 5.59 -2.61
C ASN A 191 -21.03 5.88 -1.31
N LEU A 192 -20.64 7.13 -1.11
CA LEU A 192 -19.95 7.48 0.12
C LEU A 192 -20.89 8.27 1.03
N LYS A 193 -21.93 8.90 0.45
CA LYS A 193 -22.92 9.76 1.09
C LYS A 193 -23.32 9.24 2.48
N ASN A 194 -23.89 8.03 2.50
CA ASN A 194 -24.48 7.48 3.70
C ASN A 194 -23.40 6.92 4.63
N LYS A 195 -22.12 7.12 4.27
CA LYS A 195 -21.00 6.45 4.92
C LYS A 195 -20.11 7.47 5.62
N LEU A 196 -20.32 8.78 5.37
CA LEU A 196 -19.57 9.80 6.09
C LEU A 196 -20.20 9.97 7.46
N SER A 197 -19.41 10.50 8.40
CA SER A 197 -19.95 11.03 9.65
C SER A 197 -21.25 11.74 9.31
N LYS A 198 -22.23 11.67 10.22
CA LYS A 198 -23.61 12.10 9.95
C LYS A 198 -23.65 13.61 9.66
N GLU A 199 -22.66 14.35 10.19
CA GLU A 199 -22.49 15.78 10.06
C GLU A 199 -22.41 16.23 8.57
N TYR A 200 -21.94 15.31 7.71
CA TYR A 200 -21.59 15.59 6.33
C TYR A 200 -22.59 14.95 5.38
N GLN A 201 -23.54 14.19 5.93
CA GLN A 201 -24.30 13.23 5.15
C GLN A 201 -25.23 13.90 4.14
N ASN A 202 -25.53 15.18 4.36
CA ASN A 202 -26.41 15.87 3.41
C ASN A 202 -25.67 16.97 2.67
N PHE A 203 -24.33 16.97 2.75
CA PHE A 203 -23.51 17.91 1.99
C PHE A 203 -23.73 17.72 0.49
N SER A 204 -23.83 18.85 -0.23
CA SER A 204 -23.90 18.83 -1.68
C SER A 204 -22.50 18.49 -2.20
N ILE A 205 -22.37 18.38 -3.53
CA ILE A 205 -21.13 17.86 -4.06
C ILE A 205 -20.02 18.91 -3.90
N PHE A 206 -20.36 20.19 -4.06
CA PHE A 206 -19.39 21.26 -3.86
C PHE A 206 -18.90 21.33 -2.44
N GLU A 207 -19.79 21.09 -1.47
CA GLU A 207 -19.40 20.96 -0.07
C GLU A 207 -18.46 19.77 0.18
N ILE A 208 -18.65 18.63 -0.49
CA ILE A 208 -17.79 17.48 -0.26
C ILE A 208 -16.38 17.74 -0.81
N LYS A 209 -16.36 18.36 -2.00
CA LYS A 209 -15.11 18.72 -2.64
C LYS A 209 -14.32 19.58 -1.67
N ASP A 210 -15.00 20.58 -1.15
CA ASP A 210 -14.41 21.54 -0.22
C ASP A 210 -13.92 20.78 1.00
N LEU A 211 -14.78 19.94 1.56
CA LEU A 211 -14.45 19.22 2.77
C LEU A 211 -13.26 18.33 2.48
N PHE A 212 -13.27 17.72 1.30
CA PHE A 212 -12.20 16.79 1.02
C PHE A 212 -10.88 17.54 0.88
N LEU A 213 -10.90 18.67 0.15
CA LEU A 213 -9.69 19.43 -0.11
C LEU A 213 -9.10 19.95 1.21
N THR A 214 -9.94 20.48 2.12
CA THR A 214 -9.47 20.94 3.42
C THR A 214 -8.81 19.78 4.14
N GLU A 215 -9.46 18.61 4.11
CA GLU A 215 -8.98 17.44 4.81
C GLU A 215 -7.66 17.01 4.15
N PHE A 216 -7.57 17.18 2.82
CA PHE A 216 -6.45 16.69 2.05
C PHE A 216 -5.22 17.51 2.39
N LEU A 217 -5.43 18.81 2.60
CA LEU A 217 -4.38 19.71 3.03
C LEU A 217 -3.88 19.30 4.41
N LYS A 218 -4.80 19.09 5.36
CA LYS A 218 -4.46 18.68 6.72
C LYS A 218 -3.61 17.41 6.70
N VAL A 219 -4.15 16.38 6.04
CA VAL A 219 -3.57 15.06 5.97
C VAL A 219 -2.19 15.11 5.32
N ASN A 220 -1.96 16.12 4.47
CA ASN A 220 -0.71 16.27 3.73
C ASN A 220 0.21 17.30 4.41
N SER A 221 -0.21 17.79 5.58
CA SER A 221 0.49 18.82 6.33
C SER A 221 0.79 20.06 5.47
N VAL A 222 -0.24 20.55 4.77
CA VAL A 222 -0.12 21.76 3.99
C VAL A 222 -1.12 22.75 4.56
N GLU A 223 -0.66 23.97 4.82
CA GLU A 223 -1.54 24.94 5.45
C GLU A 223 -2.57 25.37 4.42
N LYS A 224 -2.09 25.81 3.26
CA LYS A 224 -3.03 26.34 2.29
C LYS A 224 -2.54 26.04 0.87
N PHE A 225 -3.49 25.84 -0.03
CA PHE A 225 -3.14 25.72 -1.43
C PHE A 225 -2.60 27.05 -1.96
N LYS A 226 -1.54 26.97 -2.78
CA LYS A 226 -1.09 28.12 -3.55
C LYS A 226 -2.09 28.31 -4.69
N LYS A 227 -2.42 29.56 -4.97
CA LYS A 227 -3.52 29.90 -5.87
C LYS A 227 -2.97 29.91 -7.30
N TYR A 228 -3.60 29.17 -8.21
CA TYR A 228 -3.32 29.35 -9.63
C TYR A 228 -4.65 29.45 -10.37
N GLU A 229 -4.94 30.62 -10.92
CA GLU A 229 -6.17 30.82 -11.64
C GLU A 229 -5.81 30.77 -13.12
N LEU A 230 -6.51 29.91 -13.85
CA LEU A 230 -6.29 29.88 -15.29
C LEU A 230 -6.48 31.27 -15.85
N THR A 231 -5.53 31.74 -16.65
CA THR A 231 -5.68 33.01 -17.31
C THR A 231 -6.38 32.81 -18.65
N ASP A 232 -6.85 33.92 -19.25
CA ASP A 232 -7.41 33.89 -20.59
C ASP A 232 -6.46 33.13 -21.52
N SER A 233 -5.17 33.41 -21.34
CA SER A 233 -4.13 32.85 -22.20
C SER A 233 -3.99 31.33 -21.97
N ASP A 234 -4.17 30.88 -20.72
CA ASP A 234 -4.09 29.46 -20.46
C ASP A 234 -5.29 28.83 -21.14
N TRP A 235 -6.42 29.53 -21.03
CA TRP A 235 -7.67 29.01 -21.56
C TRP A 235 -7.57 28.89 -23.08
N VAL A 236 -6.84 29.80 -23.69
CA VAL A 236 -6.71 29.69 -25.13
C VAL A 236 -6.01 28.37 -25.45
N GLN A 237 -4.96 28.04 -24.68
CA GLN A 237 -4.25 26.80 -24.89
CA GLN A 237 -4.22 26.80 -24.88
C GLN A 237 -5.11 25.60 -24.50
N ILE A 238 -5.83 25.71 -23.38
CA ILE A 238 -6.70 24.60 -23.05
C ILE A 238 -7.76 24.38 -24.14
N ASP A 239 -8.47 25.44 -24.57
CA ASP A 239 -9.47 25.31 -25.63
C ASP A 239 -8.87 24.60 -26.85
N LYS A 240 -7.63 24.92 -27.19
CA LYS A 240 -6.94 24.31 -28.28
C LYS A 240 -6.75 22.82 -28.00
N MET A 241 -6.40 22.43 -26.78
CA MET A 241 -6.25 21.01 -26.49
C MET A 241 -7.61 20.34 -26.46
N VAL A 242 -8.65 21.08 -26.05
CA VAL A 242 -9.99 20.51 -26.19
C VAL A 242 -10.32 20.20 -27.65
N ALA A 243 -10.09 21.19 -28.53
CA ALA A 243 -10.39 21.01 -29.95
C ALA A 243 -9.57 19.91 -30.54
N GLU A 244 -8.28 19.84 -30.22
CA GLU A 244 -7.39 18.98 -30.99
C GLU A 244 -7.34 17.58 -30.39
N LYS A 245 -7.88 17.40 -29.18
CA LYS A 245 -7.66 16.14 -28.47
C LYS A 245 -8.91 15.65 -27.75
N TYR A 246 -9.27 16.27 -26.62
CA TYR A 246 -10.29 15.73 -25.72
C TYR A 246 -11.66 15.64 -26.38
N LYS A 247 -11.97 16.56 -27.28
CA LYS A 247 -13.25 16.48 -27.95
C LYS A 247 -12.99 16.27 -29.44
N ASN A 248 -11.87 15.64 -29.75
CA ASN A 248 -11.51 15.42 -31.14
C ASN A 248 -11.85 13.99 -31.43
N TRP A 249 -12.63 13.76 -32.47
CA TRP A 249 -13.05 12.42 -32.80
C TRP A 249 -11.82 11.52 -32.97
N ASP A 250 -10.77 12.05 -33.57
CA ASP A 250 -9.66 11.15 -33.85
C ASP A 250 -9.11 10.59 -32.56
N PHE A 251 -9.14 11.41 -31.52
CA PHE A 251 -8.61 10.98 -30.24
C PHE A 251 -9.66 10.13 -29.53
N VAL A 252 -10.91 10.60 -29.55
CA VAL A 252 -11.88 9.90 -28.73
C VAL A 252 -12.21 8.57 -29.37
N TRP A 253 -12.46 8.57 -30.69
CA TRP A 253 -13.00 7.44 -31.44
C TRP A 253 -11.97 6.85 -32.40
N GLY A 254 -11.17 7.70 -33.07
CA GLY A 254 -10.27 7.20 -34.10
C GLY A 254 -9.20 6.28 -33.53
N LEU A 255 -8.92 6.44 -32.25
CA LEU A 255 -7.71 5.89 -31.68
C LEU A 255 -7.89 4.39 -31.54
N SER A 256 -9.15 3.96 -31.46
CA SER A 256 -9.37 2.57 -31.17
C SER A 256 -10.30 1.99 -32.21
N PRO A 257 -9.76 1.60 -33.41
CA PRO A 257 -10.58 1.08 -34.50
C PRO A 257 -11.08 -0.30 -34.19
N ASN A 258 -12.24 -0.66 -34.75
CA ASN A 258 -12.72 -2.02 -34.67
C ASN A 258 -12.31 -2.79 -35.91
N TYR A 259 -11.20 -3.52 -35.77
CA TYR A 259 -10.75 -4.42 -36.82
C TYR A 259 -11.50 -5.74 -36.79
N SER A 260 -11.27 -6.58 -37.79
CA SER A 260 -12.13 -7.73 -38.08
C SER A 260 -12.03 -8.80 -37.01
N PHE A 261 -10.84 -9.03 -36.47
CA PHE A 261 -10.68 -10.11 -35.51
C PHE A 261 -10.36 -9.52 -34.14
N ASN A 262 -10.98 -10.07 -33.11
CA ASN A 262 -10.89 -9.56 -31.75
C ASN A 262 -10.78 -10.71 -30.78
N ARG A 263 -9.68 -10.72 -30.03
CA ARG A 263 -9.50 -11.72 -29.03
C ARG A 263 -8.98 -11.01 -27.80
N SER A 264 -9.28 -11.59 -26.65
CA SER A 264 -8.97 -10.97 -25.37
C SER A 264 -8.39 -12.05 -24.48
N ILE A 265 -7.51 -11.66 -23.58
CA ILE A 265 -7.08 -12.58 -22.54
C ILE A 265 -7.11 -11.80 -21.24
N ARG A 266 -7.56 -12.44 -20.16
CA ARG A 266 -7.35 -11.88 -18.84
C ARG A 266 -5.88 -12.13 -18.52
N THR A 267 -5.17 -11.09 -18.10
CA THR A 267 -3.80 -11.24 -17.67
C THR A 267 -3.68 -10.47 -16.35
N LYS A 268 -2.46 -10.44 -15.81
CA LYS A 268 -2.24 -9.81 -14.52
C LYS A 268 -2.42 -8.30 -14.65
N VAL A 269 -2.03 -7.74 -15.81
CA VAL A 269 -2.08 -6.30 -16.01
C VAL A 269 -3.53 -5.84 -16.25
N GLY A 270 -4.38 -6.79 -16.62
CA GLY A 270 -5.79 -6.55 -16.90
C GLY A 270 -6.25 -7.36 -18.09
N THR A 271 -7.46 -7.09 -18.61
CA THR A 271 -7.91 -7.75 -19.83
C THR A 271 -7.27 -7.05 -21.02
N ILE A 272 -6.51 -7.79 -21.83
CA ILE A 272 -5.91 -7.25 -23.04
C ILE A 272 -6.71 -7.74 -24.23
N THR A 273 -7.16 -6.82 -25.08
CA THR A 273 -7.87 -7.20 -26.28
C THR A 273 -7.00 -6.91 -27.50
N PHE A 274 -6.94 -7.85 -28.45
CA PHE A 274 -6.22 -7.65 -29.69
C PHE A 274 -7.26 -7.55 -30.79
N SER A 275 -7.25 -6.40 -31.46
CA SER A 275 -8.11 -6.16 -32.59
C SER A 275 -7.20 -6.04 -33.78
N LEU A 276 -7.38 -6.97 -34.72
CA LEU A 276 -6.40 -6.98 -35.80
C LEU A 276 -7.04 -7.33 -37.12
N GLU A 277 -6.28 -6.95 -38.16
CA GLU A 277 -6.57 -7.25 -39.53
C GLU A 277 -5.49 -8.21 -39.95
N ILE A 278 -5.87 -9.12 -40.86
CA ILE A 278 -4.97 -10.12 -41.39
C ILE A 278 -5.07 -10.08 -42.90
N ASN A 279 -3.92 -9.89 -43.55
CA ASN A 279 -3.73 -9.99 -44.99
C ASN A 279 -2.53 -10.90 -45.20
N GLU A 280 -2.68 -11.92 -46.07
CA GLU A 280 -1.66 -12.89 -46.44
C GLU A 280 -1.04 -13.55 -45.21
N GLY A 281 -1.88 -13.99 -44.26
CA GLY A 281 -1.41 -14.75 -43.12
C GLY A 281 -0.49 -13.91 -42.23
N LYS A 282 -0.51 -12.56 -42.38
CA LYS A 282 0.28 -11.69 -41.54
C LYS A 282 -0.63 -10.65 -40.87
N ILE A 283 -0.20 -10.18 -39.69
CA ILE A 283 -0.93 -9.13 -39.02
C ILE A 283 -0.74 -7.90 -39.90
N SER A 284 -1.86 -7.34 -40.35
CA SER A 284 -1.71 -6.20 -41.24
C SER A 284 -1.96 -4.96 -40.43
N LYS A 285 -2.97 -5.03 -39.56
CA LYS A 285 -3.30 -3.91 -38.70
C LYS A 285 -3.51 -4.51 -37.33
N ILE A 286 -3.05 -3.85 -36.26
CA ILE A 286 -3.33 -4.38 -34.95
C ILE A 286 -3.54 -3.23 -33.99
N LYS A 287 -4.47 -3.42 -33.05
CA LYS A 287 -4.75 -2.44 -32.06
C LYS A 287 -4.89 -3.17 -30.74
N ILE A 288 -4.02 -2.79 -29.81
CA ILE A 288 -4.06 -3.48 -28.54
C ILE A 288 -4.75 -2.56 -27.56
N SER A 289 -5.79 -3.05 -26.92
CA SER A 289 -6.57 -2.19 -26.06
C SER A 289 -6.83 -2.96 -24.77
N GLY A 290 -7.30 -2.26 -23.76
CA GLY A 290 -7.61 -2.89 -22.49
C GLY A 290 -7.56 -1.82 -21.41
N ASP A 291 -7.79 -2.22 -20.17
CA ASP A 291 -7.90 -1.26 -19.12
C ASP A 291 -6.60 -1.30 -18.30
N PHE A 292 -5.47 -1.47 -18.96
CA PHE A 292 -4.23 -1.63 -18.24
C PHE A 292 -3.47 -0.30 -18.21
N PHE A 293 -2.25 -0.41 -17.69
CA PHE A 293 -1.41 0.74 -17.47
C PHE A 293 -0.04 0.38 -17.98
N PRO A 294 0.20 0.54 -19.30
CA PRO A 294 1.48 0.17 -19.87
C PRO A 294 2.55 1.16 -19.44
N LYS A 295 3.79 0.68 -19.50
CA LYS A 295 4.97 1.43 -19.10
C LYS A 295 5.18 2.54 -20.10
N LYS A 296 5.03 2.21 -21.38
CA LYS A 296 5.14 3.17 -22.47
C LYS A 296 4.01 2.85 -23.44
N SER A 297 3.87 3.69 -24.47
CA SER A 297 2.80 3.59 -25.45
C SER A 297 2.92 2.29 -26.22
N LEU A 298 1.76 1.69 -26.55
CA LEU A 298 1.71 0.39 -27.21
C LEU A 298 1.76 0.53 -28.72
N LEU A 299 1.71 1.77 -29.21
CA LEU A 299 1.81 2.05 -30.63
C LEU A 299 3.08 1.43 -31.19
N GLU A 300 4.20 1.57 -30.49
CA GLU A 300 5.46 0.94 -30.87
C GLU A 300 5.31 -0.59 -30.96
N LEU A 301 4.50 -1.18 -30.07
CA LEU A 301 4.42 -2.64 -30.05
C LEU A 301 3.55 -3.12 -31.20
N GLU A 302 2.40 -2.46 -31.39
CA GLU A 302 1.51 -2.75 -32.49
C GLU A 302 2.33 -2.63 -33.77
N ASN A 303 3.13 -1.55 -33.89
CA ASN A 303 3.94 -1.35 -35.09
C ASN A 303 4.95 -2.47 -35.27
N PHE A 304 5.39 -3.03 -34.15
CA PHE A 304 6.43 -4.02 -34.18
C PHE A 304 5.82 -5.32 -34.67
N LEU A 305 4.55 -5.51 -34.34
CA LEU A 305 3.81 -6.74 -34.58
C LEU A 305 3.27 -6.76 -36.01
N MET A 306 3.22 -5.60 -36.65
CA MET A 306 2.76 -5.52 -38.04
C MET A 306 3.69 -6.38 -38.87
N GLY A 307 3.11 -7.20 -39.75
CA GLY A 307 3.94 -7.95 -40.67
C GLY A 307 4.30 -9.32 -40.14
N THR A 308 3.96 -9.60 -38.88
CA THR A 308 4.27 -10.91 -38.33
C THR A 308 3.36 -11.95 -38.99
N LYS A 309 3.94 -13.04 -39.49
CA LYS A 309 3.13 -14.15 -39.97
C LYS A 309 2.42 -14.78 -38.76
N LEU A 310 1.20 -15.31 -38.99
CA LEU A 310 0.40 -15.92 -37.94
C LEU A 310 0.76 -17.40 -37.86
N THR A 311 2.02 -17.65 -37.50
CA THR A 311 2.52 -18.98 -37.22
C THR A 311 3.15 -18.93 -35.83
N GLN A 312 3.18 -20.08 -35.17
CA GLN A 312 3.73 -20.14 -33.83
C GLN A 312 5.12 -19.50 -33.82
N ASP A 313 5.97 -19.97 -34.71
CA ASP A 313 7.35 -19.54 -34.75
C ASP A 313 7.45 -18.02 -34.87
N GLN A 314 6.69 -17.41 -35.80
CA GLN A 314 6.87 -15.98 -36.02
C GLN A 314 6.30 -15.22 -34.82
N LEU A 315 5.14 -15.69 -34.33
CA LEU A 315 4.46 -14.96 -33.25
C LEU A 315 5.27 -15.06 -31.97
N LEU A 316 5.69 -16.28 -31.61
CA LEU A 316 6.51 -16.40 -30.41
C LEU A 316 7.73 -15.49 -30.51
N ASN A 317 8.44 -15.55 -31.64
CA ASN A 317 9.68 -14.79 -31.76
C ASN A 317 9.37 -13.30 -31.70
N ARG A 318 8.25 -12.88 -32.31
CA ARG A 318 8.08 -11.45 -32.44
C ARG A 318 7.68 -10.93 -31.07
N LEU A 319 6.93 -11.78 -30.36
CA LEU A 319 6.40 -11.40 -29.05
C LEU A 319 7.56 -11.43 -28.05
N LYS A 320 8.47 -12.38 -28.22
CA LYS A 320 9.66 -12.40 -27.37
C LYS A 320 10.48 -11.13 -27.59
N ASP A 321 10.71 -10.77 -28.85
CA ASP A 321 11.56 -9.65 -29.25
C ASP A 321 10.96 -8.31 -28.84
N ALA A 322 9.63 -8.27 -28.68
CA ALA A 322 8.93 -7.04 -28.35
C ALA A 322 9.21 -6.68 -26.90
N LYS A 323 9.71 -7.66 -26.14
CA LYS A 323 10.05 -7.51 -24.73
C LYS A 323 8.87 -6.88 -24.01
N LEU A 324 7.82 -7.70 -23.84
CA LEU A 324 6.55 -7.20 -23.38
C LEU A 324 6.69 -6.54 -22.02
N GLU A 325 7.71 -6.93 -21.24
CA GLU A 325 7.91 -6.37 -19.91
C GLU A 325 8.26 -4.89 -20.04
N ASP A 326 8.77 -4.48 -21.20
CA ASP A 326 9.05 -3.09 -21.45
C ASP A 326 7.75 -2.30 -21.62
N TYR A 327 6.64 -3.02 -21.88
CA TYR A 327 5.36 -2.39 -22.16
C TYR A 327 4.34 -2.56 -21.04
N PHE A 328 4.40 -3.65 -20.26
CA PHE A 328 3.40 -3.92 -19.26
C PHE A 328 4.11 -4.21 -17.95
N SER A 329 3.39 -4.01 -16.86
CA SER A 329 4.05 -4.08 -15.57
C SER A 329 4.20 -5.55 -15.18
N GLN A 330 3.09 -6.30 -15.25
CA GLN A 330 3.15 -7.73 -14.98
C GLN A 330 3.57 -8.51 -16.24
N LYS A 331 3.86 -9.81 -16.01
CA LYS A 331 4.24 -10.69 -17.08
C LYS A 331 3.00 -11.09 -17.86
N ILE A 332 3.14 -10.99 -19.16
CA ILE A 332 2.10 -11.46 -20.05
C ILE A 332 2.58 -12.77 -20.60
N ASP A 333 1.67 -13.75 -20.67
CA ASP A 333 2.04 -14.98 -21.33
C ASP A 333 2.02 -14.79 -22.85
N GLU A 334 3.22 -14.67 -23.42
CA GLU A 334 3.43 -14.47 -24.85
C GLU A 334 2.82 -15.64 -25.61
N GLU A 335 2.96 -16.84 -25.07
CA GLU A 335 2.39 -18.02 -25.70
C GLU A 335 0.86 -17.94 -25.73
N GLU A 336 0.27 -17.53 -24.62
CA GLU A 336 -1.17 -17.29 -24.56
C GLU A 336 -1.58 -16.39 -25.73
N ILE A 337 -0.81 -15.32 -25.96
CA ILE A 337 -1.15 -14.36 -27.00
C ILE A 337 -0.95 -15.01 -28.36
N CYS A 338 0.22 -15.63 -28.51
CA CYS A 338 0.56 -16.38 -29.72
C CYS A 338 -0.61 -17.29 -30.11
N ASN A 339 -1.02 -18.17 -29.18
CA ASN A 339 -2.01 -19.20 -29.44
C ASN A 339 -3.35 -18.57 -29.74
N LEU A 340 -3.63 -17.44 -29.10
CA LEU A 340 -4.89 -16.77 -29.32
C LEU A 340 -4.93 -16.32 -30.77
N LEU A 341 -3.80 -15.80 -31.25
CA LEU A 341 -3.71 -15.21 -32.57
C LEU A 341 -3.58 -16.29 -33.63
N LEU A 342 -3.13 -17.48 -33.23
CA LEU A 342 -2.86 -18.53 -34.19
C LEU A 342 -4.17 -19.09 -34.73
N ASN A 343 -5.26 -18.77 -34.03
CA ASN A 343 -6.58 -19.27 -34.29
C ASN A 343 -7.31 -18.43 -35.35
N LEU A 344 -6.62 -17.45 -35.96
CA LEU A 344 -7.33 -16.58 -36.89
C LEU A 344 -6.97 -16.96 -38.33
N MET B 1 18.35 -15.65 -2.85
CA MET B 1 17.75 -15.55 -1.51
C MET B 1 18.41 -16.57 -0.58
N TYR B 2 18.82 -16.09 0.59
CA TYR B 2 19.49 -16.98 1.51
C TYR B 2 18.51 -17.49 2.57
N LEU B 3 18.77 -18.70 3.04
CA LEU B 3 18.04 -19.26 4.18
C LEU B 3 19.07 -19.47 5.28
N ILE B 4 18.83 -18.86 6.44
CA ILE B 4 19.69 -19.10 7.59
C ILE B 4 18.86 -19.85 8.61
N GLU B 5 19.15 -21.15 8.72
CA GLU B 5 18.38 -21.95 9.64
C GLU B 5 19.09 -21.78 10.97
N PRO B 6 18.35 -21.66 12.07
CA PRO B 6 18.98 -21.36 13.35
C PRO B 6 19.49 -22.67 13.96
N LYS B 7 20.64 -23.12 13.47
CA LYS B 7 21.23 -24.35 13.97
C LYS B 7 22.61 -24.04 14.56
N ARG B 8 22.93 -24.71 15.66
CA ARG B 8 24.31 -24.65 16.13
C ARG B 8 24.89 -26.08 16.23
N ASN B 9 26.04 -26.33 15.60
CA ASN B 9 26.56 -27.69 15.61
C ASN B 9 25.45 -28.61 15.07
N GLY B 10 24.82 -28.19 13.94
CA GLY B 10 23.80 -28.97 13.26
C GLY B 10 22.51 -29.15 14.08
N LYS B 11 22.45 -28.60 15.28
CA LYS B 11 21.30 -28.80 16.16
C LYS B 11 20.47 -27.52 16.17
N TRP B 12 19.17 -27.68 15.94
CA TRP B 12 18.27 -26.53 15.75
C TRP B 12 18.07 -25.77 17.04
N VAL B 13 17.96 -24.43 16.97
CA VAL B 13 17.88 -23.62 18.20
C VAL B 13 16.47 -23.07 18.32
N PHE B 14 15.92 -23.12 19.56
CA PHE B 14 14.55 -22.74 19.81
C PHE B 14 14.35 -21.51 20.69
N ASP B 15 15.46 -20.94 21.19
CA ASP B 15 15.31 -19.86 22.16
C ASP B 15 15.04 -18.57 21.39
N GLY B 16 13.87 -17.98 21.63
CA GLY B 16 13.43 -16.74 21.01
C GLY B 16 14.49 -15.64 21.08
N ALA B 17 15.34 -15.65 22.09
CA ALA B 17 16.27 -14.53 22.22
C ALA B 17 17.42 -14.79 21.27
N ILE B 18 17.89 -16.04 21.24
CA ILE B 18 18.94 -16.36 20.30
C ILE B 18 18.43 -16.22 18.88
N LEU B 19 17.13 -16.54 18.66
CA LEU B 19 16.71 -16.54 17.27
C LEU B 19 16.74 -15.12 16.71
N LEU B 20 16.38 -14.12 17.53
CA LEU B 20 16.36 -12.76 17.06
C LEU B 20 17.80 -12.33 16.89
N ALA B 21 18.64 -12.84 17.79
CA ALA B 21 20.02 -12.40 17.80
C ALA B 21 20.64 -12.82 16.46
N ILE B 22 20.17 -14.00 15.97
CA ILE B 22 20.74 -14.53 14.76
C ILE B 22 20.38 -13.51 13.70
N GLN B 23 19.12 -13.09 13.75
CA GLN B 23 18.61 -12.28 12.66
C GLN B 23 19.30 -10.94 12.72
N TYR B 24 19.33 -10.37 13.92
CA TYR B 24 19.90 -9.02 13.96
C TYR B 24 21.39 -9.11 13.66
N TRP B 25 22.02 -10.20 14.08
CA TRP B 25 23.43 -10.35 13.81
C TRP B 25 23.62 -10.27 12.31
N ALA B 26 22.78 -11.00 11.55
CA ALA B 26 22.93 -11.05 10.11
C ALA B 26 22.74 -9.65 9.55
N ILE B 27 21.73 -8.94 10.09
CA ILE B 27 21.32 -7.62 9.66
C ILE B 27 22.54 -6.71 9.76
N LYS B 28 23.31 -6.88 10.83
CA LYS B 28 24.40 -5.96 11.09
C LYS B 28 25.69 -6.46 10.41
N ASN B 29 25.81 -7.75 10.11
CA ASN B 29 27.15 -8.24 9.86
C ASN B 29 27.22 -9.03 8.58
N LEU B 30 26.04 -9.33 8.00
CA LEU B 30 26.05 -10.19 6.84
C LEU B 30 25.69 -9.36 5.64
N LYS B 31 26.72 -8.91 4.93
CA LYS B 31 26.47 -8.04 3.80
C LYS B 31 26.28 -8.92 2.58
N LEU B 32 25.12 -9.54 2.48
CA LEU B 32 24.80 -10.26 1.26
C LEU B 32 23.75 -9.45 0.52
N ASP B 33 23.87 -9.34 -0.80
CA ASP B 33 22.97 -8.48 -1.55
C ASP B 33 21.73 -9.25 -2.00
N GLU B 34 21.19 -10.04 -1.08
CA GLU B 34 19.97 -10.79 -1.35
C GLU B 34 19.15 -10.80 -0.08
N THR B 35 17.86 -11.10 -0.23
CA THR B 35 17.03 -11.34 0.91
C THR B 35 17.57 -12.54 1.68
N ILE B 36 17.62 -12.41 3.03
CA ILE B 36 17.94 -13.54 3.87
C ILE B 36 16.68 -13.87 4.64
N VAL B 37 16.29 -15.15 4.63
CA VAL B 37 15.15 -15.67 5.35
C VAL B 37 15.65 -16.42 6.58
N PHE B 38 14.96 -16.15 7.71
CA PHE B 38 15.27 -16.74 8.99
C PHE B 38 14.00 -17.40 9.51
N PRO B 39 13.82 -18.72 9.29
CA PRO B 39 12.67 -19.43 9.87
C PRO B 39 13.05 -19.58 11.34
N TYR B 40 12.04 -19.48 12.21
CA TYR B 40 12.29 -19.72 13.61
C TYR B 40 11.04 -20.24 14.28
N ILE B 41 11.26 -21.27 15.10
CA ILE B 41 10.29 -21.90 15.97
C ILE B 41 10.80 -21.75 17.40
N CYS B 42 9.93 -21.24 18.26
CA CYS B 42 10.42 -20.74 19.52
C CYS B 42 9.85 -21.56 20.67
N ASP B 43 10.70 -21.81 21.67
CA ASP B 43 10.21 -22.20 22.98
C ASP B 43 9.31 -21.07 23.48
N PRO B 44 8.26 -21.40 24.29
CA PRO B 44 7.34 -20.40 24.81
C PRO B 44 8.01 -19.14 25.37
N HIS B 45 7.55 -17.99 24.89
CA HIS B 45 8.09 -16.73 25.37
C HIS B 45 7.15 -15.66 24.82
N VAL B 46 7.21 -14.46 25.37
CA VAL B 46 6.51 -13.34 24.75
C VAL B 46 7.57 -12.48 24.09
N GLN B 47 7.21 -11.98 22.92
CA GLN B 47 8.11 -11.09 22.24
C GLN B 47 7.43 -9.73 22.18
N ILE B 48 8.10 -8.69 22.68
CA ILE B 48 7.46 -7.37 22.63
C ILE B 48 8.23 -6.51 21.64
N GLY B 49 7.59 -5.43 21.19
CA GLY B 49 8.28 -4.56 20.27
C GLY B 49 9.30 -3.69 21.00
N TYR B 50 10.20 -3.11 20.20
CA TYR B 50 11.31 -2.34 20.73
C TYR B 50 10.85 -1.22 21.67
N PHE B 51 9.69 -0.60 21.41
CA PHE B 51 9.30 0.61 22.15
C PHE B 51 8.31 0.25 23.23
N GLN B 52 8.14 -1.05 23.46
CA GLN B 52 7.12 -1.45 24.41
C GLN B 52 7.71 -1.58 25.81
N ASN B 53 6.83 -1.59 26.81
CA ASN B 53 7.19 -1.90 28.20
C ASN B 53 6.61 -3.28 28.52
N PRO B 54 7.42 -4.31 28.78
CA PRO B 54 6.85 -5.60 29.12
C PRO B 54 6.02 -5.54 30.41
N SER B 55 6.33 -4.63 31.36
CA SER B 55 5.55 -4.62 32.61
C SER B 55 4.07 -4.40 32.33
N VAL B 56 3.75 -3.58 31.34
CA VAL B 56 2.37 -3.23 31.12
C VAL B 56 1.74 -4.11 30.04
N GLU B 57 2.55 -4.85 29.26
CA GLU B 57 2.06 -5.69 28.17
C GLU B 57 1.88 -7.15 28.58
N VAL B 58 2.52 -7.55 29.67
CA VAL B 58 2.53 -8.95 30.07
C VAL B 58 1.82 -9.05 31.40
N ASN B 59 1.08 -10.15 31.64
CA ASN B 59 0.70 -10.55 32.98
C ASN B 59 1.94 -11.14 33.65
N LEU B 60 2.54 -10.34 34.52
CA LEU B 60 3.83 -10.65 35.11
C LEU B 60 3.75 -11.88 36.01
N GLU B 61 2.59 -12.08 36.66
CA GLU B 61 2.41 -13.17 37.61
C GLU B 61 2.32 -14.49 36.83
N LEU B 62 1.55 -14.46 35.75
CA LEU B 62 1.40 -15.64 34.93
C LEU B 62 2.73 -16.00 34.23
N LEU B 63 3.53 -14.98 33.91
CA LEU B 63 4.82 -15.16 33.29
C LEU B 63 5.78 -15.84 34.25
N LYS B 64 5.82 -15.35 35.50
CA LYS B 64 6.62 -15.92 36.56
C LYS B 64 6.20 -17.37 36.81
N GLN B 65 4.88 -17.57 36.96
CA GLN B 65 4.28 -18.88 37.21
C GLN B 65 4.70 -19.86 36.13
N LYS B 66 4.67 -19.42 34.86
CA LYS B 66 4.96 -20.29 33.73
C LYS B 66 6.47 -20.34 33.47
N ASN B 67 7.24 -19.51 34.19
CA ASN B 67 8.69 -19.44 34.10
C ASN B 67 9.12 -19.28 32.64
N ILE B 68 8.61 -18.23 31.98
CA ILE B 68 8.86 -18.05 30.56
C ILE B 68 9.44 -16.67 30.36
N GLU B 69 10.20 -16.49 29.28
CA GLU B 69 10.97 -15.27 29.10
C GLU B 69 10.18 -14.29 28.23
N VAL B 70 10.47 -12.99 28.47
CA VAL B 70 10.13 -11.94 27.53
C VAL B 70 11.35 -11.67 26.67
N VAL B 71 11.09 -11.44 25.38
CA VAL B 71 12.13 -11.02 24.46
C VAL B 71 11.66 -9.73 23.83
N ARG B 72 12.57 -8.75 23.82
CA ARG B 72 12.28 -7.54 23.09
C ARG B 72 12.93 -7.70 21.73
N ARG B 73 12.20 -7.38 20.67
CA ARG B 73 12.78 -7.48 19.35
C ARG B 73 13.23 -6.08 18.91
N ASP B 74 13.85 -5.98 17.74
CA ASP B 74 14.43 -4.71 17.36
C ASP B 74 13.43 -3.80 16.68
N THR B 75 12.29 -4.37 16.27
CA THR B 75 11.34 -3.59 15.47
C THR B 75 10.31 -3.07 16.46
N GLY B 76 9.56 -2.04 16.08
CA GLY B 76 8.42 -1.59 16.85
C GLY B 76 7.27 -2.59 16.73
N GLY B 77 6.05 -2.07 16.88
CA GLY B 77 4.92 -2.96 16.95
C GLY B 77 4.72 -3.51 18.37
N GLY B 78 3.85 -4.50 18.46
CA GLY B 78 3.29 -4.90 19.73
C GLY B 78 3.75 -6.29 20.12
N ALA B 79 3.08 -6.79 21.17
CA ALA B 79 3.56 -7.95 21.88
C ALA B 79 2.88 -9.21 21.36
N ILE B 80 3.65 -10.27 21.14
CA ILE B 80 3.07 -11.53 20.71
C ILE B 80 3.59 -12.65 21.59
N TYR B 81 2.87 -13.79 21.57
CA TYR B 81 3.26 -14.99 22.28
C TYR B 81 3.76 -16.06 21.29
N LEU B 82 4.84 -16.76 21.63
CA LEU B 82 5.46 -17.63 20.62
C LEU B 82 5.79 -18.95 21.29
N ASP B 83 5.33 -20.04 20.70
CA ASP B 83 5.65 -21.33 21.27
C ASP B 83 5.94 -22.28 20.11
N ARG B 84 6.05 -23.59 20.40
CA ARG B 84 6.54 -24.57 19.43
C ARG B 84 5.48 -24.85 18.39
N ASN B 85 4.36 -24.16 18.51
CA ASN B 85 3.26 -24.36 17.59
C ASN B 85 3.17 -23.19 16.66
N GLY B 86 4.07 -22.24 16.84
CA GLY B 86 4.26 -21.09 15.96
C GLY B 86 5.43 -21.31 15.01
N VAL B 87 5.26 -20.84 13.78
CA VAL B 87 6.39 -20.89 12.87
C VAL B 87 6.53 -19.48 12.33
N ASN B 88 7.73 -18.91 12.51
CA ASN B 88 7.91 -17.51 12.23
C ASN B 88 9.01 -17.39 11.20
N PHE B 89 8.95 -16.31 10.40
CA PHE B 89 9.97 -16.08 9.40
C PHE B 89 10.39 -14.61 9.52
N CYS B 90 11.68 -14.38 9.73
CA CYS B 90 12.18 -13.01 9.70
C CYS B 90 13.02 -12.85 8.45
N PHE B 91 13.25 -11.57 8.12
CA PHE B 91 13.94 -11.29 6.87
C PHE B 91 14.88 -10.09 7.02
N SER B 92 15.96 -10.14 6.25
CA SER B 92 16.91 -9.07 6.06
C SER B 92 16.90 -8.78 4.58
N PHE B 93 16.19 -7.71 4.24
CA PHE B 93 16.01 -7.34 2.84
C PHE B 93 17.04 -6.27 2.58
N PRO B 94 17.85 -6.38 1.52
CA PRO B 94 18.62 -5.23 1.01
C PRO B 94 17.65 -4.09 0.73
N TYR B 95 17.99 -2.91 1.27
CA TYR B 95 17.08 -1.77 1.25
C TYR B 95 16.86 -1.28 -0.18
N GLU B 96 17.94 -1.16 -0.96
CA GLU B 96 17.79 -0.56 -2.28
C GLU B 96 16.83 -1.40 -3.11
N LYS B 97 16.96 -2.73 -3.03
CA LYS B 97 16.18 -3.65 -3.84
C LYS B 97 14.73 -3.74 -3.34
N ASN B 98 14.44 -3.21 -2.15
CA ASN B 98 13.08 -3.29 -1.60
C ASN B 98 12.72 -1.97 -0.92
N LYS B 99 12.88 -0.86 -1.63
CA LYS B 99 12.64 0.47 -1.07
C LYS B 99 11.15 0.77 -0.93
N ASN B 100 10.30 -0.05 -1.56
CA ASN B 100 8.87 0.09 -1.44
C ASN B 100 8.30 -0.81 -0.33
N LEU B 101 9.20 -1.47 0.44
CA LEU B 101 8.80 -2.52 1.37
C LEU B 101 8.63 -1.92 2.76
N LEU B 102 9.48 -0.95 3.13
CA LEU B 102 9.52 -0.39 4.48
C LEU B 102 8.15 0.16 4.84
N GLY B 103 7.48 -0.41 5.86
CA GLY B 103 6.17 0.01 6.31
C GLY B 103 4.99 -0.55 5.51
N ASN B 104 5.26 -1.17 4.35
CA ASN B 104 4.25 -1.78 3.50
C ASN B 104 4.01 -3.24 3.87
N TYR B 105 3.10 -3.46 4.83
CA TYR B 105 2.79 -4.80 5.33
C TYR B 105 2.03 -5.61 4.27
N ALA B 106 1.23 -4.94 3.44
CA ALA B 106 0.54 -5.58 2.33
C ALA B 106 1.52 -6.30 1.40
N GLN B 107 2.56 -5.58 0.96
CA GLN B 107 3.57 -6.12 0.06
C GLN B 107 4.30 -7.25 0.75
N PHE B 108 4.66 -7.02 2.03
CA PHE B 108 5.48 -7.95 2.78
C PHE B 108 4.74 -9.27 2.97
N TYR B 109 3.42 -9.20 3.06
CA TYR B 109 2.56 -10.34 3.29
C TYR B 109 2.03 -10.97 2.00
N ASP B 110 2.15 -10.28 0.84
CA ASP B 110 1.63 -10.82 -0.40
C ASP B 110 2.17 -12.24 -0.65
N PRO B 111 3.50 -12.51 -0.57
CA PRO B 111 4.00 -13.87 -0.72
C PRO B 111 3.41 -14.84 0.30
N VAL B 112 3.13 -14.33 1.51
CA VAL B 112 2.71 -15.19 2.61
C VAL B 112 1.27 -15.65 2.38
N ILE B 113 0.39 -14.68 2.11
CA ILE B 113 -0.97 -14.96 1.66
C ILE B 113 -0.92 -16.06 0.58
N LYS B 114 -0.13 -15.81 -0.47
CA LYS B 114 -0.04 -16.71 -1.60
C LYS B 114 0.37 -18.11 -1.13
N VAL B 115 1.36 -18.18 -0.24
CA VAL B 115 1.86 -19.45 0.29
C VAL B 115 0.72 -20.15 1.05
N LEU B 116 0.00 -19.38 1.85
CA LEU B 116 -1.00 -19.99 2.72
C LEU B 116 -2.15 -20.54 1.87
N GLN B 117 -2.49 -19.83 0.78
CA GLN B 117 -3.57 -20.20 -0.11
C GLN B 117 -3.21 -21.54 -0.73
N ASN B 118 -2.01 -21.55 -1.33
CA ASN B 118 -1.43 -22.70 -2.01
C ASN B 118 -1.52 -23.95 -1.15
N ILE B 119 -1.57 -23.77 0.17
CA ILE B 119 -1.45 -24.88 1.10
C ILE B 119 -2.84 -25.19 1.67
N GLY B 120 -3.85 -24.55 1.07
CA GLY B 120 -5.25 -24.93 1.31
C GLY B 120 -6.00 -23.88 2.10
N ILE B 121 -5.32 -22.86 2.60
CA ILE B 121 -5.96 -21.77 3.32
C ILE B 121 -6.32 -20.66 2.34
N LYS B 122 -7.54 -20.71 1.78
CA LYS B 122 -7.95 -19.76 0.75
C LYS B 122 -8.84 -18.69 1.38
N ASN B 123 -8.69 -18.47 2.67
CA ASN B 123 -9.53 -17.54 3.42
C ASN B 123 -8.65 -16.54 4.15
N VAL B 124 -7.37 -16.44 3.73
CA VAL B 124 -6.40 -15.61 4.41
C VAL B 124 -6.54 -14.18 3.89
N GLN B 125 -6.89 -13.25 4.79
CA GLN B 125 -7.09 -11.86 4.42
C GLN B 125 -6.07 -10.98 5.16
N PHE B 126 -5.62 -9.90 4.52
CA PHE B 126 -4.75 -8.94 5.18
C PHE B 126 -5.59 -8.08 6.12
N SER B 127 -5.04 -7.77 7.30
CA SER B 127 -5.74 -6.98 8.32
C SER B 127 -5.88 -5.53 7.90
N GLY B 128 -5.03 -5.05 6.98
CA GLY B 128 -4.99 -3.64 6.65
C GLY B 128 -3.94 -2.84 7.42
N LYS B 129 -3.58 -3.31 8.64
CA LYS B 129 -2.49 -2.73 9.44
C LYS B 129 -1.19 -3.52 9.23
N ASN B 130 -1.02 -4.63 9.96
CA ASN B 130 0.24 -5.38 9.93
C ASN B 130 0.03 -6.86 10.31
N ASP B 131 -1.19 -7.39 10.09
CA ASP B 131 -1.55 -8.74 10.51
C ASP B 131 -2.22 -9.51 9.37
N LEU B 132 -2.41 -10.83 9.55
CA LEU B 132 -3.25 -11.64 8.69
C LEU B 132 -4.37 -12.28 9.52
N GLN B 133 -5.56 -12.45 8.93
CA GLN B 133 -6.70 -12.99 9.64
C GLN B 133 -7.49 -13.99 8.80
N ILE B 134 -8.18 -14.90 9.51
CA ILE B 134 -9.26 -15.72 8.97
C ILE B 134 -10.54 -15.35 9.75
N GLU B 135 -11.55 -14.88 8.99
CA GLU B 135 -12.84 -14.39 9.49
C GLU B 135 -12.65 -13.54 10.74
N GLY B 136 -11.77 -12.53 10.66
CA GLY B 136 -11.56 -11.59 11.76
C GLY B 136 -10.60 -12.08 12.85
N LYS B 137 -10.20 -13.36 12.82
CA LYS B 137 -9.29 -13.88 13.85
C LYS B 137 -7.87 -13.95 13.32
N LYS B 138 -6.95 -13.24 13.97
CA LYS B 138 -5.57 -13.08 13.52
C LYS B 138 -4.82 -14.43 13.49
N VAL B 139 -4.13 -14.73 12.37
CA VAL B 139 -3.25 -15.89 12.26
C VAL B 139 -1.77 -15.47 12.26
N SER B 140 -1.51 -14.18 11.96
CA SER B 140 -0.16 -13.69 11.82
C SER B 140 -0.08 -12.21 12.20
N GLY B 141 1.04 -11.83 12.82
CA GLY B 141 1.41 -10.43 12.94
C GLY B 141 2.78 -10.20 12.30
N ALA B 142 3.07 -8.94 11.97
CA ALA B 142 4.30 -8.55 11.32
C ALA B 142 4.85 -7.26 11.93
N ALA B 143 6.15 -7.07 11.76
CA ALA B 143 6.83 -5.86 12.20
C ALA B 143 8.03 -5.68 11.28
N MET B 144 8.46 -4.42 11.08
CA MET B 144 9.74 -4.21 10.42
C MET B 144 10.38 -2.90 10.85
N SER B 145 11.63 -2.68 10.43
CA SER B 145 12.38 -1.45 10.63
C SER B 145 13.56 -1.38 9.67
N LEU B 146 14.20 -0.22 9.58
CA LEU B 146 15.32 -0.08 8.66
C LEU B 146 16.56 0.01 9.51
N VAL B 147 17.53 -0.86 9.27
CA VAL B 147 18.71 -0.90 10.10
C VAL B 147 19.84 -1.16 9.15
N ASN B 148 20.97 -0.47 9.26
CA ASN B 148 21.97 -0.47 8.19
C ASN B 148 21.26 -0.08 6.89
N ASP B 149 21.54 -0.89 5.88
CA ASP B 149 20.83 -0.75 4.63
C ASP B 149 19.95 -1.97 4.47
N ARG B 150 19.45 -2.45 5.62
CA ARG B 150 18.62 -3.64 5.53
C ARG B 150 17.27 -3.30 6.10
N ILE B 151 16.24 -3.88 5.49
CA ILE B 151 14.96 -3.87 6.15
C ILE B 151 14.83 -5.16 6.93
N TYR B 152 14.67 -5.02 8.26
CA TYR B 152 14.36 -6.14 9.12
C TYR B 152 12.86 -6.30 9.21
N ALA B 153 12.33 -7.39 8.65
CA ALA B 153 10.89 -7.61 8.76
C ALA B 153 10.63 -9.03 9.21
N GLY B 154 9.57 -9.18 9.99
CA GLY B 154 9.19 -10.52 10.41
C GLY B 154 7.68 -10.71 10.40
N PHE B 155 7.22 -11.93 10.05
CA PHE B 155 5.87 -12.33 10.44
C PHE B 155 5.87 -13.60 11.29
N SER B 156 4.88 -13.75 12.20
CA SER B 156 4.58 -14.99 12.87
C SER B 156 3.47 -15.77 12.13
N LEU B 157 3.43 -17.08 12.32
CA LEU B 157 2.28 -17.87 11.93
C LEU B 157 1.86 -18.67 13.16
N LEU B 158 0.54 -18.63 13.43
CA LEU B 158 -0.05 -19.49 14.44
C LEU B 158 -0.53 -20.79 13.81
N TYR B 159 0.38 -21.77 13.73
CA TYR B 159 0.06 -23.10 13.23
C TYR B 159 -0.93 -23.75 14.19
N ASP B 160 -0.55 -23.78 15.47
CA ASP B 160 -1.47 -24.10 16.54
C ASP B 160 -1.33 -23.02 17.62
N VAL B 161 -2.41 -22.77 18.36
CA VAL B 161 -2.35 -21.78 19.42
C VAL B 161 -2.90 -22.41 20.70
N ASP B 162 -2.41 -21.89 21.81
CA ASP B 162 -3.02 -22.09 23.11
C ASP B 162 -3.87 -20.86 23.38
N PHE B 163 -5.10 -20.88 22.86
CA PHE B 163 -6.09 -19.81 23.02
C PHE B 163 -6.25 -19.35 24.46
N ASP B 164 -6.35 -20.31 25.38
CA ASP B 164 -6.51 -19.94 26.77
C ASP B 164 -5.32 -19.07 27.19
N PHE B 165 -4.09 -19.56 26.93
CA PHE B 165 -2.89 -18.95 27.51
C PHE B 165 -2.57 -17.61 26.87
N ILE B 166 -2.82 -17.48 25.57
CA ILE B 166 -2.46 -16.30 24.79
C ILE B 166 -3.18 -15.05 25.30
N GLY B 167 -4.49 -15.15 25.56
CA GLY B 167 -5.26 -14.02 26.06
C GLY B 167 -5.05 -13.76 27.57
N LYS B 168 -4.34 -14.69 28.23
CA LYS B 168 -4.06 -14.54 29.64
C LYS B 168 -2.68 -13.90 29.85
N ILE B 169 -1.70 -14.25 28.98
CA ILE B 169 -0.31 -13.87 29.21
C ILE B 169 -0.07 -12.45 28.69
N LEU B 170 -0.81 -12.06 27.65
CA LEU B 170 -0.67 -10.73 27.05
C LEU B 170 -1.80 -9.85 27.55
N THR B 171 -1.47 -8.66 28.04
CA THR B 171 -2.48 -7.70 28.49
C THR B 171 -2.33 -6.39 27.71
N PRO B 172 -2.80 -6.31 26.44
CA PRO B 172 -2.68 -5.09 25.64
C PRO B 172 -3.61 -3.93 26.00
N ASN B 173 -4.81 -4.23 26.48
CA ASN B 173 -5.79 -3.18 26.70
C ASN B 173 -6.27 -3.22 28.16
N ARG B 188 -10.17 -12.43 17.28
CA ARG B 188 -8.90 -12.10 18.01
C ARG B 188 -7.74 -12.94 17.46
N VAL B 189 -7.77 -14.27 17.61
CA VAL B 189 -6.66 -15.14 17.19
C VAL B 189 -7.21 -16.54 16.82
N THR B 190 -6.60 -17.20 15.84
CA THR B 190 -6.97 -18.56 15.42
C THR B 190 -5.75 -19.35 14.91
N ASN B 191 -5.91 -20.67 14.67
CA ASN B 191 -4.79 -21.52 14.29
C ASN B 191 -4.84 -21.81 12.78
N LEU B 192 -3.77 -22.40 12.25
CA LEU B 192 -3.72 -22.72 10.83
C LEU B 192 -3.94 -24.22 10.59
N LYS B 193 -3.54 -25.04 11.58
CA LYS B 193 -3.53 -26.51 11.53
C LYS B 193 -4.77 -27.09 10.85
N ASN B 194 -5.94 -26.87 11.45
CA ASN B 194 -7.14 -27.54 10.95
C ASN B 194 -7.75 -26.72 9.81
N LYS B 195 -6.98 -25.77 9.25
CA LYS B 195 -7.46 -24.90 8.19
C LYS B 195 -6.80 -25.21 6.86
N LEU B 196 -5.78 -26.08 6.84
CA LEU B 196 -5.04 -26.37 5.60
C LEU B 196 -5.63 -27.61 4.93
N SER B 197 -5.27 -27.83 3.66
CA SER B 197 -5.52 -29.09 3.00
C SER B 197 -5.29 -30.22 4.01
N LYS B 198 -6.09 -31.29 3.90
CA LYS B 198 -6.14 -32.35 4.92
C LYS B 198 -4.80 -33.07 5.05
N GLU B 199 -4.03 -33.11 3.97
CA GLU B 199 -2.78 -33.87 3.94
C GLU B 199 -1.72 -33.25 4.84
N TYR B 200 -1.87 -31.94 5.13
CA TYR B 200 -0.91 -31.15 5.89
C TYR B 200 -1.40 -30.92 7.31
N GLN B 201 -2.66 -31.29 7.55
CA GLN B 201 -3.33 -31.01 8.80
C GLN B 201 -2.68 -31.75 9.96
N ASN B 202 -1.92 -32.81 9.64
CA ASN B 202 -1.28 -33.56 10.71
C ASN B 202 0.23 -33.35 10.79
N PHE B 203 0.74 -32.42 9.98
CA PHE B 203 2.15 -32.13 9.91
C PHE B 203 2.59 -31.55 11.24
N SER B 204 3.78 -31.96 11.70
CA SER B 204 4.39 -31.29 12.83
C SER B 204 4.83 -29.89 12.42
N ILE B 205 5.33 -29.12 13.38
CA ILE B 205 5.78 -27.77 13.12
C ILE B 205 6.94 -27.75 12.11
N PHE B 206 7.91 -28.66 12.26
CA PHE B 206 9.05 -28.76 11.37
C PHE B 206 8.63 -29.10 9.94
N GLU B 207 7.64 -30.00 9.83
CA GLU B 207 7.05 -30.33 8.54
C GLU B 207 6.41 -29.13 7.86
N ILE B 208 5.66 -28.28 8.61
CA ILE B 208 4.97 -27.17 7.94
C ILE B 208 5.99 -26.11 7.55
N LYS B 209 7.00 -25.91 8.39
CA LYS B 209 8.04 -24.96 8.10
C LYS B 209 8.66 -25.32 6.74
N ASP B 210 8.99 -26.60 6.58
CA ASP B 210 9.51 -27.13 5.33
C ASP B 210 8.56 -26.81 4.18
N LEU B 211 7.29 -27.17 4.34
CA LEU B 211 6.29 -26.99 3.31
C LEU B 211 6.15 -25.50 3.04
N PHE B 212 6.22 -24.68 4.06
CA PHE B 212 6.02 -23.26 3.84
C PHE B 212 7.18 -22.70 3.03
N LEU B 213 8.40 -23.11 3.41
CA LEU B 213 9.62 -22.62 2.77
C LEU B 213 9.63 -23.03 1.29
N THR B 214 9.32 -24.29 1.01
CA THR B 214 9.21 -24.80 -0.35
C THR B 214 8.22 -23.93 -1.13
N GLU B 215 7.08 -23.66 -0.50
CA GLU B 215 6.01 -22.97 -1.18
C GLU B 215 6.47 -21.55 -1.42
N PHE B 216 7.28 -21.05 -0.49
CA PHE B 216 7.64 -19.65 -0.44
C PHE B 216 8.59 -19.38 -1.59
N LEU B 217 9.45 -20.36 -1.86
CA LEU B 217 10.39 -20.30 -2.96
C LEU B 217 9.61 -20.24 -4.27
N LYS B 218 8.64 -21.14 -4.44
CA LYS B 218 7.81 -21.22 -5.63
C LYS B 218 7.13 -19.87 -5.88
N VAL B 219 6.42 -19.38 -4.86
CA VAL B 219 5.62 -18.18 -4.90
C VAL B 219 6.50 -17.00 -5.29
N ASN B 220 7.79 -17.08 -4.93
CA ASN B 220 8.73 -15.98 -5.12
C ASN B 220 9.60 -16.22 -6.35
N SER B 221 9.30 -17.27 -7.10
CA SER B 221 10.03 -17.66 -8.30
C SER B 221 11.54 -17.79 -8.03
N VAL B 222 11.86 -18.57 -7.01
CA VAL B 222 13.25 -18.88 -6.69
C VAL B 222 13.36 -20.40 -6.73
N GLU B 223 14.39 -20.90 -7.43
CA GLU B 223 14.57 -22.33 -7.60
C GLU B 223 14.88 -22.96 -6.25
N LYS B 224 15.84 -22.35 -5.54
CA LYS B 224 16.24 -22.86 -4.24
C LYS B 224 16.87 -21.75 -3.39
N PHE B 225 16.98 -22.02 -2.08
CA PHE B 225 17.59 -21.07 -1.17
C PHE B 225 19.10 -21.23 -1.24
N LYS B 226 19.83 -20.12 -1.20
CA LYS B 226 21.27 -20.18 -0.97
C LYS B 226 21.50 -20.51 0.49
N LYS B 227 22.47 -21.39 0.73
CA LYS B 227 22.79 -21.92 2.04
C LYS B 227 23.71 -20.90 2.70
N TYR B 228 23.35 -20.47 3.92
CA TYR B 228 24.35 -19.85 4.77
C TYR B 228 24.30 -20.57 6.11
N GLU B 229 25.38 -21.26 6.47
CA GLU B 229 25.46 -21.93 7.77
C GLU B 229 26.22 -21.02 8.72
N LEU B 230 25.59 -20.59 9.80
CA LEU B 230 26.30 -19.87 10.84
C LEU B 230 27.60 -20.57 11.16
N THR B 231 28.71 -19.88 11.15
CA THR B 231 29.98 -20.50 11.51
C THR B 231 30.22 -20.35 13.01
N ASP B 232 31.23 -21.04 13.53
CA ASP B 232 31.50 -20.92 14.96
C ASP B 232 31.71 -19.45 15.31
N SER B 233 32.36 -18.73 14.39
CA SER B 233 32.67 -17.35 14.60
C SER B 233 31.41 -16.47 14.52
N ASP B 234 30.42 -16.83 13.69
CA ASP B 234 29.18 -16.08 13.66
C ASP B 234 28.54 -16.29 15.01
N TRP B 235 28.60 -17.56 15.45
CA TRP B 235 27.91 -17.91 16.67
C TRP B 235 28.57 -17.20 17.83
N VAL B 236 29.90 -17.01 17.78
CA VAL B 236 30.56 -16.23 18.83
C VAL B 236 29.92 -14.85 18.87
N GLN B 237 29.76 -14.20 17.70
CA GLN B 237 29.13 -12.89 17.66
C GLN B 237 27.66 -12.91 18.10
N ILE B 238 26.92 -13.93 17.67
CA ILE B 238 25.52 -13.97 18.07
C ILE B 238 25.44 -14.14 19.60
N ASP B 239 26.24 -15.07 20.14
CA ASP B 239 26.25 -15.31 21.59
C ASP B 239 26.46 -14.00 22.34
N LYS B 240 27.39 -13.20 21.83
CA LYS B 240 27.75 -11.94 22.42
C LYS B 240 26.52 -11.02 22.42
N MET B 241 25.79 -10.99 21.31
CA MET B 241 24.58 -10.19 21.27
C MET B 241 23.50 -10.76 22.17
N VAL B 242 23.45 -12.08 22.28
CA VAL B 242 22.47 -12.63 23.21
C VAL B 242 22.79 -12.19 24.63
N ALA B 243 24.04 -12.32 25.05
CA ALA B 243 24.41 -11.99 26.43
C ALA B 243 24.22 -10.49 26.67
N GLU B 244 24.59 -9.67 25.70
CA GLU B 244 24.65 -8.24 25.89
C GLU B 244 23.28 -7.60 25.71
N LYS B 245 22.37 -8.27 24.95
CA LYS B 245 21.17 -7.59 24.53
C LYS B 245 19.90 -8.45 24.65
N TYR B 246 19.77 -9.50 23.81
CA TYR B 246 18.50 -10.20 23.72
C TYR B 246 18.12 -10.88 25.02
N LYS B 247 19.09 -11.30 25.83
CA LYS B 247 18.72 -11.91 27.10
C LYS B 247 19.21 -11.03 28.23
N ASN B 248 19.56 -9.79 27.91
CA ASN B 248 20.02 -8.84 28.91
C ASN B 248 18.87 -8.12 29.58
N TRP B 249 18.86 -8.09 30.91
CA TRP B 249 17.75 -7.54 31.63
C TRP B 249 17.51 -6.08 31.26
N ASP B 250 18.61 -5.35 31.21
CA ASP B 250 18.51 -3.93 30.96
C ASP B 250 17.78 -3.72 29.66
N PHE B 251 18.03 -4.63 28.69
CA PHE B 251 17.47 -4.48 27.36
C PHE B 251 16.01 -4.91 27.43
N VAL B 252 15.77 -6.08 28.03
CA VAL B 252 14.46 -6.63 27.89
C VAL B 252 13.53 -5.86 28.81
N TRP B 253 13.94 -5.58 30.05
CA TRP B 253 13.02 -4.99 31.03
C TRP B 253 13.29 -3.52 31.28
N GLY B 254 14.49 -3.05 31.07
CA GLY B 254 14.78 -1.73 31.56
C GLY B 254 14.72 -0.66 30.50
N LEU B 255 14.48 -1.04 29.25
CA LEU B 255 14.74 -0.07 28.21
C LEU B 255 13.58 0.91 28.16
N SER B 256 12.37 0.41 28.48
CA SER B 256 11.25 1.34 28.52
C SER B 256 10.63 1.28 29.92
N PRO B 257 11.20 2.02 30.90
CA PRO B 257 10.78 1.86 32.28
C PRO B 257 9.50 2.65 32.55
N ASN B 258 8.72 2.18 33.52
CA ASN B 258 7.65 2.96 34.11
C ASN B 258 8.29 4.14 34.86
N TYR B 259 7.90 5.36 34.50
CA TYR B 259 8.29 6.51 35.31
C TYR B 259 7.19 6.82 36.32
N SER B 260 7.27 7.97 37.00
CA SER B 260 6.31 8.25 38.05
C SER B 260 4.95 8.49 37.44
N PHE B 261 4.91 9.14 36.28
CA PHE B 261 3.63 9.46 35.69
C PHE B 261 3.55 8.84 34.30
N ASN B 262 2.35 8.37 33.96
CA ASN B 262 2.13 7.58 32.77
C ASN B 262 0.74 7.92 32.19
N ARG B 263 0.75 8.40 30.96
CA ARG B 263 -0.51 8.64 30.29
C ARG B 263 -0.36 8.09 28.90
N SER B 264 -1.47 7.64 28.37
CA SER B 264 -1.53 7.10 27.03
C SER B 264 -2.60 7.84 26.24
N ILE B 265 -2.39 7.91 24.93
CA ILE B 265 -3.44 8.35 24.03
C ILE B 265 -3.51 7.36 22.89
N ARG B 266 -4.73 6.95 22.52
CA ARG B 266 -4.88 6.27 21.24
C ARG B 266 -4.60 7.30 20.16
N THR B 267 -3.78 6.90 19.20
CA THR B 267 -3.56 7.74 18.04
C THR B 267 -3.57 6.82 16.84
N LYS B 268 -3.38 7.40 15.66
CA LYS B 268 -3.36 6.64 14.42
C LYS B 268 -2.16 5.70 14.38
N VAL B 269 -1.01 6.13 14.93
CA VAL B 269 0.20 5.31 14.86
C VAL B 269 0.13 4.18 15.91
N GLY B 270 -0.78 4.32 16.87
CA GLY B 270 -1.04 3.29 17.86
C GLY B 270 -1.29 3.92 19.24
N THR B 271 -1.17 3.12 20.31
CA THR B 271 -1.23 3.69 21.64
C THR B 271 0.13 4.27 22.01
N ILE B 272 0.18 5.55 22.37
CA ILE B 272 1.43 6.12 22.78
C ILE B 272 1.32 6.40 24.26
N THR B 273 2.33 5.95 24.99
CA THR B 273 2.36 6.18 26.40
C THR B 273 3.53 7.11 26.69
N PHE B 274 3.23 8.11 27.53
CA PHE B 274 4.23 9.02 28.01
C PHE B 274 4.47 8.67 29.46
N SER B 275 5.73 8.41 29.71
CA SER B 275 6.24 8.06 31.01
C SER B 275 7.18 9.20 31.35
N LEU B 276 6.86 9.93 32.39
CA LEU B 276 7.73 11.04 32.67
C LEU B 276 7.93 11.16 34.19
N GLU B 277 9.07 11.80 34.50
CA GLU B 277 9.31 12.42 35.78
C GLU B 277 9.07 13.91 35.66
N ILE B 278 8.52 14.49 36.74
CA ILE B 278 8.29 15.92 36.81
C ILE B 278 8.92 16.43 38.10
N ASN B 279 9.85 17.38 37.94
CA ASN B 279 10.41 18.16 39.03
C ASN B 279 10.14 19.64 38.75
N GLU B 280 9.76 20.35 39.83
CA GLU B 280 9.15 21.65 39.72
C GLU B 280 7.91 21.44 38.88
N GLY B 281 7.82 22.25 37.82
CA GLY B 281 6.71 22.06 36.89
C GLY B 281 7.22 21.71 35.50
N LYS B 282 8.39 21.06 35.42
CA LYS B 282 9.04 20.76 34.15
C LYS B 282 9.25 19.25 34.01
N ILE B 283 9.22 18.78 32.76
CA ILE B 283 9.49 17.40 32.47
C ILE B 283 10.96 17.20 32.78
N SER B 284 11.23 16.28 33.71
CA SER B 284 12.62 16.10 34.10
C SER B 284 13.17 14.89 33.35
N LYS B 285 12.38 13.83 33.29
CA LYS B 285 12.75 12.66 32.55
C LYS B 285 11.55 12.29 31.69
N ILE B 286 11.76 11.74 30.51
CA ILE B 286 10.58 11.32 29.73
C ILE B 286 10.94 10.14 28.84
N LYS B 287 9.97 9.23 28.73
CA LYS B 287 10.12 8.03 27.94
C LYS B 287 8.83 7.74 27.19
N ILE B 288 8.96 7.71 25.88
CA ILE B 288 7.79 7.47 25.08
C ILE B 288 7.84 6.00 24.66
N SER B 289 6.74 5.29 24.86
CA SER B 289 6.64 3.88 24.54
C SER B 289 5.29 3.65 23.88
N GLY B 290 5.11 2.45 23.33
CA GLY B 290 3.87 2.14 22.61
C GLY B 290 4.14 1.06 21.59
N ASP B 291 3.09 0.64 20.87
CA ASP B 291 3.27 -0.42 19.89
C ASP B 291 3.36 0.14 18.49
N PHE B 292 4.01 1.30 18.33
CA PHE B 292 4.07 1.93 17.04
C PHE B 292 5.39 1.62 16.33
N PHE B 293 5.59 2.28 15.20
CA PHE B 293 6.75 2.08 14.36
C PHE B 293 7.30 3.45 14.02
N PRO B 294 8.17 4.02 14.85
CA PRO B 294 8.66 5.38 14.64
C PRO B 294 9.66 5.38 13.48
N LYS B 295 9.81 6.55 12.86
CA LYS B 295 10.66 6.77 11.71
C LYS B 295 12.12 6.65 12.18
N LYS B 296 12.42 7.24 13.33
CA LYS B 296 13.74 7.09 13.94
C LYS B 296 13.55 6.85 15.44
N SER B 297 14.66 6.72 16.15
CA SER B 297 14.74 6.75 17.61
C SER B 297 14.06 7.99 18.20
N LEU B 298 13.47 7.80 19.38
CA LEU B 298 12.70 8.82 20.08
C LEU B 298 13.57 9.70 20.99
N LEU B 299 14.85 9.30 21.13
CA LEU B 299 15.76 9.98 22.02
C LEU B 299 15.81 11.48 21.72
N GLU B 300 15.86 11.88 20.46
CA GLU B 300 15.97 13.32 20.17
C GLU B 300 14.72 14.06 20.65
N LEU B 301 13.57 13.36 20.55
CA LEU B 301 12.30 13.98 20.88
C LEU B 301 12.18 14.14 22.41
N GLU B 302 12.46 13.03 23.11
CA GLU B 302 12.46 13.02 24.55
C GLU B 302 13.44 14.09 25.05
N ASN B 303 14.61 14.18 24.43
CA ASN B 303 15.61 15.15 24.84
C ASN B 303 15.10 16.57 24.63
N PHE B 304 14.24 16.74 23.62
CA PHE B 304 13.82 18.10 23.31
C PHE B 304 12.78 18.52 24.34
N LEU B 305 12.05 17.50 24.82
CA LEU B 305 10.91 17.70 25.69
C LEU B 305 11.36 17.87 27.14
N MET B 306 12.63 17.51 27.41
CA MET B 306 13.17 17.74 28.73
C MET B 306 13.08 19.22 29.06
N GLY B 307 12.68 19.52 30.29
CA GLY B 307 12.75 20.88 30.78
C GLY B 307 11.48 21.67 30.48
N THR B 308 10.59 21.11 29.62
CA THR B 308 9.39 21.81 29.21
C THR B 308 8.47 21.93 30.42
N LYS B 309 8.03 23.16 30.70
CA LYS B 309 7.08 23.40 31.79
C LYS B 309 5.75 22.76 31.41
N LEU B 310 4.98 22.29 32.41
CA LEU B 310 3.71 21.62 32.16
C LEU B 310 2.58 22.67 32.17
N THR B 311 2.68 23.62 31.23
CA THR B 311 1.65 24.61 30.97
C THR B 311 1.31 24.49 29.47
N GLN B 312 0.10 24.89 29.12
CA GLN B 312 -0.29 24.73 27.75
C GLN B 312 0.75 25.40 26.82
N ASP B 313 1.10 26.64 27.13
CA ASP B 313 1.99 27.42 26.28
C ASP B 313 3.28 26.63 26.04
N GLN B 314 3.87 26.14 27.14
CA GLN B 314 5.19 25.54 26.97
C GLN B 314 5.01 24.22 26.19
N LEU B 315 3.98 23.45 26.58
CA LEU B 315 3.82 22.11 26.07
C LEU B 315 3.47 22.17 24.59
N LEU B 316 2.43 22.94 24.26
CA LEU B 316 2.00 23.01 22.87
C LEU B 316 3.19 23.46 22.04
N ASN B 317 3.86 24.52 22.48
CA ASN B 317 4.96 25.09 21.72
C ASN B 317 6.09 24.07 21.57
N ARG B 318 6.35 23.34 22.66
CA ARG B 318 7.48 22.46 22.66
C ARG B 318 7.16 21.30 21.74
N LEU B 319 5.89 20.86 21.77
CA LEU B 319 5.48 19.73 20.97
C LEU B 319 5.41 20.14 19.50
N LYS B 320 4.95 21.37 19.22
CA LYS B 320 5.02 21.88 17.86
C LYS B 320 6.47 21.86 17.35
N ASP B 321 7.38 22.44 18.15
CA ASP B 321 8.80 22.54 17.82
C ASP B 321 9.50 21.18 17.73
N ALA B 322 8.96 20.15 18.39
CA ALA B 322 9.60 18.85 18.45
C ALA B 322 9.46 18.13 17.12
N LYS B 323 8.55 18.62 16.27
CA LYS B 323 8.29 18.07 14.95
C LYS B 323 8.02 16.56 15.03
N LEU B 324 6.85 16.23 15.55
CA LEU B 324 6.51 14.83 15.81
C LEU B 324 6.48 14.02 14.52
N GLU B 325 6.25 14.70 13.38
CA GLU B 325 6.17 14.01 12.10
C GLU B 325 7.55 13.44 11.74
N ASP B 326 8.60 13.97 12.37
CA ASP B 326 9.95 13.42 12.21
C ASP B 326 10.06 12.05 12.88
N TYR B 327 9.11 11.74 13.79
CA TYR B 327 9.16 10.54 14.60
C TYR B 327 8.10 9.53 14.23
N PHE B 328 6.93 10.01 13.81
CA PHE B 328 5.82 9.09 13.62
C PHE B 328 5.26 9.26 12.23
N SER B 329 4.67 8.18 11.75
CA SER B 329 4.28 8.16 10.37
C SER B 329 2.96 8.92 10.23
N GLN B 330 1.97 8.56 11.06
CA GLN B 330 0.70 9.28 11.07
C GLN B 330 0.81 10.55 11.93
N LYS B 331 -0.20 11.41 11.79
CA LYS B 331 -0.20 12.71 12.47
C LYS B 331 -0.64 12.48 13.91
N ILE B 332 0.10 13.10 14.83
CA ILE B 332 -0.23 12.97 16.24
C ILE B 332 -0.83 14.29 16.69
N ASP B 333 -1.89 14.23 17.48
CA ASP B 333 -2.49 15.48 17.94
C ASP B 333 -1.69 16.05 19.11
N GLU B 334 -0.94 17.12 18.84
CA GLU B 334 -0.07 17.73 19.84
C GLU B 334 -0.92 18.27 21.00
N GLU B 335 -2.09 18.81 20.69
CA GLU B 335 -2.94 19.35 21.73
C GLU B 335 -3.47 18.23 22.62
N GLU B 336 -3.84 17.10 22.01
CA GLU B 336 -4.28 15.93 22.75
C GLU B 336 -3.19 15.59 23.76
N ILE B 337 -1.93 15.58 23.29
CA ILE B 337 -0.83 15.17 24.15
C ILE B 337 -0.67 16.21 25.25
N CYS B 338 -0.60 17.47 24.81
CA CYS B 338 -0.49 18.59 25.73
C CYS B 338 -1.52 18.47 26.84
N ASN B 339 -2.81 18.34 26.50
CA ASN B 339 -3.89 18.36 27.47
C ASN B 339 -3.80 17.16 28.38
N LEU B 340 -3.32 16.05 27.83
CA LEU B 340 -3.20 14.85 28.61
C LEU B 340 -2.19 15.10 29.72
N LEU B 341 -1.11 15.78 29.36
CA LEU B 341 0.02 15.96 30.25
C LEU B 341 -0.21 17.15 31.15
N LEU B 342 -1.16 18.01 30.79
CA LEU B 342 -1.40 19.20 31.59
C LEU B 342 -2.05 18.81 32.92
N ASN B 343 -2.62 17.61 32.92
CA ASN B 343 -3.29 17.04 34.06
C ASN B 343 -2.31 16.40 35.05
N LEU B 344 -1.00 16.57 34.87
CA LEU B 344 -0.06 16.02 35.85
C LEU B 344 0.40 17.12 36.83
#